data_5BRM
#
_entry.id   5BRM
#
_cell.length_a   142.188
_cell.length_b   142.188
_cell.length_c   135.981
_cell.angle_alpha   90.000
_cell.angle_beta   90.000
_cell.angle_gamma   120.000
#
_symmetry.space_group_name_H-M   'P 31 2 1'
#
loop_
_entity.id
_entity.type
_entity.pdbx_description
1 polymer 'MOB kinase activator 1A'
2 polymer 'Serine/threonine-protein kinase 3'
3 non-polymer 'ZINC ION'
4 water water
#
loop_
_entity_poly.entity_id
_entity_poly.type
_entity_poly.pdbx_seq_one_letter_code
_entity_poly.pdbx_strand_id
1 'polypeptide(L)'
;GLRQAVMLPEGEDLNEWIAVNTVDFFNQINMLYGTITEFCTEASCPVMSAGPRYEYHWADGTNIKKPIKCSAPKYIDYLM
TWVQDQLDDETLFPSKIGVPFPKNFMSVAKTILKRLFRVYAHIYHQHFDSVMQLQEEAHLNTSFKHFIFFVQEFNLIDRR
ELAPLQELIEKLGSKDR
;
A,B,C,D,E,F
2 'polypeptide(L)' DEEEEDG(TPO)MKRNATSPQVQRPSFMDYFDKQD G,H,I,J,K,L,M,N,O
#
loop_
_chem_comp.id
_chem_comp.type
_chem_comp.name
_chem_comp.formula
ZN non-polymer 'ZINC ION' 'Zn 2'
#
# COMPACT_ATOMS: atom_id res chain seq x y z
N ASP A 13 23.51 -36.35 -5.89
CA ASP A 13 23.59 -34.95 -5.47
C ASP A 13 23.12 -34.02 -6.57
N LEU A 14 23.78 -34.08 -7.72
CA LEU A 14 23.48 -33.18 -8.83
C LEU A 14 22.09 -33.45 -9.40
N ASN A 15 21.69 -34.71 -9.36
CA ASN A 15 20.42 -35.14 -9.93
C ASN A 15 19.27 -34.55 -9.12
N GLU A 16 19.42 -34.58 -7.80
CA GLU A 16 18.41 -34.09 -6.88
C GLU A 16 18.16 -32.60 -7.07
N TRP A 17 19.23 -31.85 -7.32
CA TRP A 17 19.13 -30.41 -7.54
C TRP A 17 18.33 -30.12 -8.80
N ILE A 18 18.64 -30.85 -9.86
CA ILE A 18 17.91 -30.69 -11.11
C ILE A 18 16.47 -31.14 -10.95
N ALA A 19 16.26 -32.19 -10.17
CA ALA A 19 14.92 -32.71 -9.94
C ALA A 19 14.05 -31.67 -9.26
N VAL A 20 14.52 -31.15 -8.14
CA VAL A 20 13.74 -30.18 -7.36
C VAL A 20 13.48 -28.91 -8.18
N ASN A 21 14.47 -28.45 -8.93
CA ASN A 21 14.30 -27.28 -9.78
C ASN A 21 13.33 -27.54 -10.93
N THR A 22 13.42 -28.73 -11.52
CA THR A 22 12.52 -29.11 -12.60
C THR A 22 11.07 -29.10 -12.11
N VAL A 23 10.87 -29.60 -10.90
CA VAL A 23 9.55 -29.60 -10.28
C VAL A 23 9.11 -28.17 -9.97
N ASP A 24 10.03 -27.37 -9.45
CA ASP A 24 9.71 -26.00 -9.06
C ASP A 24 9.28 -25.15 -10.27
N PHE A 25 10.01 -25.27 -11.37
CA PHE A 25 9.71 -24.48 -12.56
C PHE A 25 8.43 -24.98 -13.22
N PHE A 26 8.14 -26.27 -13.10
CA PHE A 26 6.86 -26.80 -13.56
C PHE A 26 5.73 -26.07 -12.86
N ASN A 27 5.87 -25.86 -11.55
CA ASN A 27 4.86 -25.14 -10.77
C ASN A 27 4.74 -23.68 -11.18
N GLN A 28 5.89 -23.02 -11.33
CA GLN A 28 5.90 -21.59 -11.67
C GLN A 28 5.27 -21.30 -13.02
N ILE A 29 5.61 -22.12 -14.02
CA ILE A 29 5.10 -21.90 -15.37
C ILE A 29 3.60 -22.15 -15.41
N ASN A 30 3.13 -23.16 -14.69
CA ASN A 30 1.71 -23.45 -14.65
C ASN A 30 0.94 -22.35 -13.95
N MET A 31 1.53 -21.79 -12.90
CA MET A 31 0.91 -20.66 -12.21
C MET A 31 0.88 -19.45 -13.15
N LEU A 32 2.01 -19.16 -13.80
CA LEU A 32 2.10 -18.00 -14.69
C LEU A 32 1.19 -18.14 -15.89
N TYR A 33 1.22 -19.31 -16.53
CA TYR A 33 0.37 -19.56 -17.68
C TYR A 33 -1.09 -19.45 -17.24
N GLY A 34 -1.36 -19.87 -16.01
CA GLY A 34 -2.68 -19.82 -15.43
C GLY A 34 -3.30 -18.43 -15.44
N THR A 35 -2.47 -17.40 -15.31
CA THR A 35 -2.97 -16.04 -15.24
C THR A 35 -3.55 -15.55 -16.58
N ILE A 36 -3.19 -16.23 -17.67
CA ILE A 36 -3.62 -15.81 -19.01
C ILE A 36 -4.23 -16.92 -19.85
N THR A 37 -4.53 -18.06 -19.23
CA THR A 37 -5.04 -19.21 -19.97
C THR A 37 -6.37 -18.96 -20.69
N GLU A 38 -7.25 -18.14 -20.12
CA GLU A 38 -8.52 -17.84 -20.77
C GLU A 38 -8.32 -16.97 -21.99
N PHE A 39 -7.20 -16.26 -22.00
CA PHE A 39 -6.87 -15.34 -23.09
C PHE A 39 -5.98 -16.03 -24.12
N CYS A 40 -5.61 -17.27 -23.82
CA CYS A 40 -4.90 -18.12 -24.76
C CYS A 40 -5.89 -19.13 -25.33
N THR A 41 -6.39 -18.85 -26.53
CA THR A 41 -7.47 -19.65 -27.11
C THR A 41 -7.19 -20.17 -28.53
N GLU A 42 -8.13 -20.95 -29.04
CA GLU A 42 -8.04 -21.49 -30.40
C GLU A 42 -8.01 -20.38 -31.43
N ALA A 43 -8.74 -19.30 -31.16
CA ALA A 43 -8.85 -18.17 -32.07
C ALA A 43 -7.62 -17.27 -31.98
N SER A 44 -7.13 -17.07 -30.77
CA SER A 44 -6.00 -16.18 -30.53
C SER A 44 -4.69 -16.85 -30.91
N CYS A 45 -4.59 -18.15 -30.65
CA CYS A 45 -3.35 -18.87 -30.85
C CYS A 45 -3.60 -20.19 -31.57
N PRO A 46 -3.87 -20.12 -32.88
CA PRO A 46 -4.17 -21.31 -33.70
C PRO A 46 -3.04 -22.33 -33.72
N VAL A 47 -1.83 -21.90 -33.39
CA VAL A 47 -0.67 -22.79 -33.34
C VAL A 47 0.19 -22.50 -32.12
N MET A 48 0.97 -23.49 -31.69
CA MET A 48 1.95 -23.26 -30.64
C MET A 48 3.13 -22.53 -31.27
N SER A 49 3.36 -21.30 -30.83
CA SER A 49 4.41 -20.49 -31.42
C SER A 49 5.06 -19.53 -30.44
N ALA A 50 6.20 -19.01 -30.86
CA ALA A 50 6.94 -18.01 -30.10
C ALA A 50 7.29 -16.90 -31.08
N GLY A 51 6.26 -16.24 -31.58
CA GLY A 51 6.39 -15.28 -32.67
C GLY A 51 6.11 -15.98 -33.98
N PRO A 52 5.94 -15.20 -35.06
CA PRO A 52 5.67 -15.75 -36.39
C PRO A 52 6.78 -16.71 -36.86
N ARG A 53 7.99 -16.49 -36.39
CA ARG A 53 9.17 -17.19 -36.88
C ARG A 53 9.38 -18.57 -36.27
N TYR A 54 8.69 -18.86 -35.17
CA TYR A 54 8.92 -20.08 -34.40
C TYR A 54 7.65 -20.79 -33.97
N GLU A 55 7.36 -21.94 -34.58
CA GLU A 55 6.24 -22.77 -34.16
C GLU A 55 6.68 -24.16 -33.74
N TYR A 56 5.94 -24.75 -32.80
CA TYR A 56 6.26 -26.06 -32.24
C TYR A 56 5.11 -27.03 -32.44
N HIS A 57 5.44 -28.28 -32.76
CA HIS A 57 4.46 -29.34 -32.98
C HIS A 57 4.68 -30.43 -31.92
N TRP A 58 3.59 -30.95 -31.35
CA TRP A 58 3.71 -31.87 -30.22
C TRP A 58 4.05 -33.31 -30.56
N ALA A 59 4.95 -33.88 -29.77
CA ALA A 59 5.33 -35.29 -29.87
C ALA A 59 5.97 -35.72 -28.55
N ASP A 60 5.77 -36.98 -28.19
CA ASP A 60 6.28 -37.52 -26.93
C ASP A 60 6.91 -38.88 -27.16
N GLY A 61 7.03 -39.26 -28.43
CA GLY A 61 7.69 -40.48 -28.81
C GLY A 61 6.91 -41.75 -28.55
N THR A 62 6.21 -41.84 -27.42
CA THR A 62 5.55 -43.10 -27.09
C THR A 62 4.13 -43.19 -27.64
N ASN A 63 3.34 -42.15 -27.42
CA ASN A 63 1.98 -42.12 -27.94
C ASN A 63 1.93 -41.45 -29.30
N ILE A 64 2.66 -40.35 -29.40
CA ILE A 64 2.72 -39.55 -30.61
C ILE A 64 4.13 -39.55 -31.19
N LYS A 65 4.27 -40.10 -32.37
CA LYS A 65 5.56 -40.19 -33.03
C LYS A 65 5.55 -38.97 -33.93
N LYS A 66 5.05 -39.11 -35.14
CA LYS A 66 4.86 -38.00 -36.06
C LYS A 66 4.28 -36.73 -35.41
N PRO A 67 5.10 -35.69 -35.20
CA PRO A 67 4.61 -34.49 -34.50
C PRO A 67 3.34 -33.88 -35.09
N ILE A 68 2.38 -33.55 -34.23
CA ILE A 68 1.11 -32.99 -34.66
C ILE A 68 1.15 -31.47 -34.56
N LYS A 69 0.68 -30.79 -35.59
CA LYS A 69 0.57 -29.34 -35.54
C LYS A 69 -0.76 -29.00 -34.90
N CYS A 70 -0.69 -28.38 -33.72
CA CYS A 70 -1.86 -28.07 -32.93
C CYS A 70 -1.78 -26.66 -32.38
N SER A 71 -2.84 -26.21 -31.73
CA SER A 71 -2.88 -24.87 -31.16
C SER A 71 -2.05 -24.75 -29.89
N ALA A 72 -1.75 -23.51 -29.50
CA ALA A 72 -0.97 -23.27 -28.29
C ALA A 72 -1.67 -23.81 -27.05
N PRO A 73 -2.98 -23.52 -26.90
CA PRO A 73 -3.68 -24.10 -25.75
C PRO A 73 -3.58 -25.61 -25.68
N LYS A 74 -3.68 -26.25 -26.84
CA LYS A 74 -3.68 -27.71 -26.90
C LYS A 74 -2.28 -28.28 -26.71
N TYR A 75 -1.29 -27.64 -27.33
CA TYR A 75 0.10 -28.06 -27.17
C TYR A 75 0.54 -28.04 -25.71
N ILE A 76 0.28 -26.91 -25.05
CA ILE A 76 0.65 -26.75 -23.67
C ILE A 76 -0.12 -27.74 -22.79
N ASP A 77 -1.34 -28.08 -23.19
CA ASP A 77 -2.12 -29.06 -22.45
C ASP A 77 -1.48 -30.45 -22.53
N TYR A 78 -1.17 -30.86 -23.76
CA TYR A 78 -0.48 -32.12 -24.01
C TYR A 78 0.82 -32.18 -23.20
N LEU A 79 1.55 -31.07 -23.23
CA LEU A 79 2.85 -30.96 -22.57
C LEU A 79 2.78 -31.20 -21.07
N MET A 80 1.92 -30.44 -20.39
CA MET A 80 1.86 -30.48 -18.93
C MET A 80 1.42 -31.85 -18.45
N THR A 81 0.57 -32.52 -19.22
CA THR A 81 0.15 -33.87 -18.87
C THR A 81 1.34 -34.81 -18.99
N TRP A 82 2.11 -34.64 -20.06
CA TRP A 82 3.29 -35.45 -20.30
C TRP A 82 4.31 -35.21 -19.19
N VAL A 83 4.58 -33.95 -18.90
CA VAL A 83 5.53 -33.58 -17.84
C VAL A 83 5.07 -34.08 -16.47
N GLN A 84 3.80 -33.83 -16.15
CA GLN A 84 3.25 -34.17 -14.85
C GLN A 84 3.35 -35.67 -14.58
N ASP A 85 3.13 -36.47 -15.63
CA ASP A 85 3.20 -37.93 -15.51
C ASP A 85 4.59 -38.43 -15.13
N GLN A 86 5.63 -37.79 -15.65
CA GLN A 86 7.00 -38.19 -15.36
C GLN A 86 7.43 -37.79 -13.96
N LEU A 87 7.02 -36.60 -13.51
CA LEU A 87 7.33 -36.15 -12.17
C LEU A 87 6.76 -37.11 -11.14
N ASP A 88 5.64 -37.75 -11.48
CA ASP A 88 4.99 -38.71 -10.60
C ASP A 88 5.59 -40.10 -10.75
N ASP A 89 6.57 -40.24 -11.63
CA ASP A 89 7.24 -41.51 -11.87
C ASP A 89 8.44 -41.69 -10.92
N GLU A 90 8.26 -42.55 -9.92
CA GLU A 90 9.31 -42.81 -8.93
C GLU A 90 10.59 -43.36 -9.56
N THR A 91 10.46 -44.04 -10.69
CA THR A 91 11.63 -44.61 -11.36
C THR A 91 12.45 -43.52 -12.03
N LEU A 92 11.82 -42.37 -12.30
CA LEU A 92 12.51 -41.21 -12.87
C LEU A 92 12.82 -40.15 -11.81
N PHE A 93 11.82 -39.83 -10.99
CA PHE A 93 11.95 -38.83 -9.92
C PHE A 93 11.72 -39.42 -8.54
N PRO A 94 12.78 -39.99 -7.92
CA PRO A 94 12.70 -40.61 -6.59
C PRO A 94 12.07 -39.68 -5.54
N PHE A 101 18.72 -42.86 -8.93
CA PHE A 101 18.28 -42.28 -10.20
C PHE A 101 18.58 -43.19 -11.40
N PRO A 102 17.69 -43.18 -12.41
CA PRO A 102 17.87 -43.97 -13.64
C PRO A 102 19.04 -43.47 -14.48
N LYS A 103 19.50 -44.30 -15.41
CA LYS A 103 20.66 -43.99 -16.22
C LYS A 103 20.41 -42.76 -17.09
N ASN A 104 19.17 -42.67 -17.58
CA ASN A 104 18.76 -41.62 -18.51
C ASN A 104 18.13 -40.37 -17.86
N PHE A 105 18.26 -40.21 -16.55
CA PHE A 105 17.59 -39.11 -15.85
C PHE A 105 17.86 -37.74 -16.48
N MET A 106 19.14 -37.42 -16.65
CA MET A 106 19.52 -36.15 -17.27
C MET A 106 18.83 -35.93 -18.61
N SER A 107 18.84 -36.97 -19.44
CA SER A 107 18.20 -36.91 -20.75
C SER A 107 16.71 -36.57 -20.61
N VAL A 108 16.06 -37.18 -19.62
CA VAL A 108 14.65 -36.92 -19.36
C VAL A 108 14.44 -35.48 -18.90
N ALA A 109 15.28 -35.02 -17.97
CA ALA A 109 15.18 -33.67 -17.43
C ALA A 109 15.36 -32.61 -18.51
N LYS A 110 16.33 -32.81 -19.40
CA LYS A 110 16.60 -31.84 -20.46
C LYS A 110 15.41 -31.67 -21.40
N THR A 111 14.77 -32.78 -21.76
CA THR A 111 13.63 -32.73 -22.67
C THR A 111 12.48 -31.97 -22.01
N ILE A 112 12.26 -32.22 -20.72
CA ILE A 112 11.23 -31.51 -19.98
C ILE A 112 11.55 -30.02 -19.99
N LEU A 113 12.78 -29.69 -19.59
CA LEU A 113 13.19 -28.29 -19.49
C LEU A 113 13.17 -27.59 -20.85
N LYS A 114 13.60 -28.32 -21.88
CA LYS A 114 13.58 -27.81 -23.25
C LYS A 114 12.18 -27.42 -23.70
N ARG A 115 11.19 -28.24 -23.33
CA ARG A 115 9.81 -28.01 -23.71
C ARG A 115 9.08 -27.00 -22.81
N LEU A 116 9.41 -26.98 -21.53
CA LEU A 116 8.85 -25.99 -20.61
C LEU A 116 9.25 -24.58 -21.04
N PHE A 117 10.47 -24.45 -21.56
CA PHE A 117 10.96 -23.17 -22.05
C PHE A 117 10.01 -22.57 -23.09
N ARG A 118 9.40 -23.43 -23.90
CA ARG A 118 8.54 -23.00 -24.99
C ARG A 118 7.29 -22.29 -24.48
N VAL A 119 6.88 -22.62 -23.26
CA VAL A 119 5.72 -21.97 -22.67
C VAL A 119 6.07 -20.52 -22.33
N TYR A 120 7.27 -20.29 -21.82
CA TYR A 120 7.79 -18.94 -21.59
C TYR A 120 7.75 -18.15 -22.89
N ALA A 121 8.27 -18.78 -23.94
CA ALA A 121 8.42 -18.15 -25.24
C ALA A 121 7.07 -17.72 -25.81
N HIS A 122 6.07 -18.58 -25.67
CA HIS A 122 4.73 -18.27 -26.15
C HIS A 122 4.13 -17.09 -25.39
N ILE A 123 4.29 -17.11 -24.07
CA ILE A 123 3.75 -16.06 -23.22
C ILE A 123 4.36 -14.70 -23.52
N TYR A 124 5.67 -14.63 -23.66
CA TYR A 124 6.32 -13.36 -23.96
C TYR A 124 5.85 -12.82 -25.29
N HIS A 125 5.79 -13.69 -26.30
CA HIS A 125 5.48 -13.28 -27.65
C HIS A 125 3.99 -12.95 -27.84
N GLN A 126 3.11 -13.75 -27.25
CA GLN A 126 1.69 -13.66 -27.54
C GLN A 126 0.82 -13.02 -26.45
N HIS A 127 1.30 -12.99 -25.21
CA HIS A 127 0.47 -12.57 -24.09
C HIS A 127 1.13 -11.60 -23.11
N PHE A 128 2.18 -10.90 -23.53
CA PHE A 128 2.88 -10.01 -22.60
C PHE A 128 2.06 -8.80 -22.19
N ASP A 129 1.21 -8.32 -23.09
CA ASP A 129 0.34 -7.20 -22.79
C ASP A 129 -0.62 -7.56 -21.67
N SER A 130 -1.19 -8.76 -21.76
CA SER A 130 -2.14 -9.22 -20.74
C SER A 130 -1.43 -9.43 -19.40
N VAL A 131 -0.18 -9.87 -19.45
CA VAL A 131 0.61 -10.07 -18.24
C VAL A 131 0.83 -8.73 -17.53
N MET A 132 1.24 -7.71 -18.27
CA MET A 132 1.48 -6.41 -17.68
C MET A 132 0.19 -5.84 -17.10
N GLN A 133 -0.90 -5.99 -17.85
CA GLN A 133 -2.21 -5.53 -17.39
C GLN A 133 -2.62 -6.21 -16.09
N LEU A 134 -2.26 -7.48 -15.97
CA LEU A 134 -2.55 -8.24 -14.76
C LEU A 134 -1.48 -7.96 -13.71
N GLN A 135 -0.49 -7.17 -14.12
CA GLN A 135 0.64 -6.81 -13.26
C GLN A 135 1.41 -8.03 -12.75
N GLU A 136 1.69 -8.97 -13.66
CA GLU A 136 2.45 -10.17 -13.36
C GLU A 136 3.75 -10.23 -14.16
N GLU A 137 4.15 -9.09 -14.74
CA GLU A 137 5.34 -9.04 -15.58
C GLU A 137 6.60 -9.30 -14.76
N ALA A 138 6.64 -8.72 -13.55
CA ALA A 138 7.79 -8.88 -12.67
C ALA A 138 7.95 -10.33 -12.27
N HIS A 139 6.82 -10.98 -12.01
CA HIS A 139 6.81 -12.36 -11.59
C HIS A 139 7.30 -13.24 -12.74
N LEU A 140 6.83 -12.94 -13.94
CA LEU A 140 7.27 -13.68 -15.12
C LEU A 140 8.77 -13.53 -15.34
N ASN A 141 9.25 -12.29 -15.28
CA ASN A 141 10.66 -12.01 -15.51
C ASN A 141 11.54 -12.66 -14.46
N THR A 142 11.09 -12.63 -13.21
CA THR A 142 11.85 -13.24 -12.12
C THR A 142 11.96 -14.74 -12.34
N SER A 143 10.84 -15.37 -12.68
CA SER A 143 10.81 -16.79 -12.96
C SER A 143 11.70 -17.14 -14.13
N PHE A 144 11.59 -16.37 -15.21
CA PHE A 144 12.37 -16.64 -16.41
C PHE A 144 13.86 -16.46 -16.14
N LYS A 145 14.20 -15.40 -15.42
CA LYS A 145 15.59 -15.14 -15.05
C LYS A 145 16.17 -16.35 -14.31
N HIS A 146 15.44 -16.82 -13.29
CA HIS A 146 15.83 -17.97 -12.51
C HIS A 146 15.96 -19.22 -13.38
N PHE A 147 15.00 -19.40 -14.28
CA PHE A 147 14.98 -20.54 -15.19
C PHE A 147 16.20 -20.59 -16.11
N ILE A 148 16.48 -19.47 -16.77
CA ILE A 148 17.57 -19.41 -17.73
C ILE A 148 18.92 -19.61 -17.04
N PHE A 149 19.12 -18.95 -15.90
CA PHE A 149 20.37 -19.12 -15.16
C PHE A 149 20.54 -20.57 -14.73
N PHE A 150 19.43 -21.23 -14.42
CA PHE A 150 19.46 -22.64 -14.01
C PHE A 150 19.92 -23.56 -15.14
N VAL A 151 19.32 -23.43 -16.31
CA VAL A 151 19.64 -24.31 -17.44
C VAL A 151 21.02 -24.03 -18.04
N GLN A 152 21.48 -22.78 -17.98
CA GLN A 152 22.77 -22.42 -18.55
C GLN A 152 23.95 -23.01 -17.77
N GLU A 153 23.83 -23.05 -16.45
CA GLU A 153 24.92 -23.52 -15.58
C GLU A 153 25.29 -24.97 -15.85
N PHE A 154 24.31 -25.76 -16.28
CA PHE A 154 24.48 -27.18 -16.48
C PHE A 154 24.25 -27.50 -17.95
N ASN A 155 24.11 -26.43 -18.75
CA ASN A 155 23.88 -26.53 -20.18
C ASN A 155 22.81 -27.57 -20.51
N LEU A 156 21.62 -27.36 -19.94
CA LEU A 156 20.52 -28.31 -20.08
C LEU A 156 19.66 -27.99 -21.30
N ILE A 157 19.92 -26.86 -21.95
CA ILE A 157 19.22 -26.51 -23.17
C ILE A 157 20.18 -25.91 -24.19
N ASP A 158 20.06 -26.36 -25.44
CA ASP A 158 20.92 -25.91 -26.53
C ASP A 158 20.59 -24.49 -26.96
N ARG A 159 21.62 -23.75 -27.36
CA ARG A 159 21.49 -22.36 -27.79
C ARG A 159 20.46 -22.24 -28.91
N ARG A 160 20.38 -23.28 -29.73
CA ARG A 160 19.45 -23.29 -30.87
C ARG A 160 18.01 -23.20 -30.40
N GLU A 161 17.70 -23.91 -29.32
CA GLU A 161 16.35 -23.94 -28.76
C GLU A 161 15.96 -22.60 -28.17
N LEU A 162 16.96 -21.84 -27.72
CA LEU A 162 16.72 -20.56 -27.04
C LEU A 162 16.57 -19.38 -28.00
N ALA A 163 16.69 -19.64 -29.30
CA ALA A 163 16.63 -18.60 -30.32
C ALA A 163 15.48 -17.59 -30.13
N PRO A 164 14.26 -18.09 -29.85
CA PRO A 164 13.11 -17.15 -29.79
C PRO A 164 13.23 -16.06 -28.73
N LEU A 165 14.10 -16.24 -27.74
CA LEU A 165 14.26 -15.27 -26.67
C LEU A 165 15.73 -14.91 -26.43
N GLN A 166 16.57 -15.10 -27.44
CA GLN A 166 18.01 -14.91 -27.29
C GLN A 166 18.39 -13.48 -26.93
N GLU A 167 17.74 -12.49 -27.54
CA GLU A 167 18.07 -11.10 -27.25
C GLU A 167 17.77 -10.80 -25.79
N LEU A 168 16.65 -11.33 -25.30
CA LEU A 168 16.26 -11.16 -23.92
C LEU A 168 17.28 -11.84 -23.00
N ILE A 169 17.65 -13.07 -23.34
CA ILE A 169 18.62 -13.83 -22.53
C ILE A 169 19.95 -13.09 -22.44
N GLU A 170 20.36 -12.44 -23.53
CA GLU A 170 21.62 -11.70 -23.55
C GLU A 170 21.54 -10.52 -22.57
N LYS A 171 20.34 -9.99 -22.42
CA LYS A 171 20.11 -8.83 -21.56
C LYS A 171 20.16 -9.27 -20.10
N LEU A 172 20.02 -10.58 -19.86
CA LEU A 172 20.03 -11.12 -18.50
C LEU A 172 21.45 -11.41 -18.04
N ASP B 13 -30.41 9.92 -26.15
CA ASP B 13 -29.60 10.63 -27.11
C ASP B 13 -28.70 11.62 -26.35
N LEU B 14 -28.45 12.80 -26.89
CA LEU B 14 -27.53 13.75 -26.25
C LEU B 14 -28.10 14.39 -24.98
N ASN B 15 -29.41 14.55 -24.92
CA ASN B 15 -30.04 15.20 -23.78
C ASN B 15 -29.88 14.37 -22.51
N GLU B 16 -30.06 13.06 -22.65
CA GLU B 16 -29.93 12.16 -21.52
C GLU B 16 -28.48 12.20 -21.01
N TRP B 17 -27.55 12.31 -21.96
CA TRP B 17 -26.12 12.37 -21.64
C TRP B 17 -25.77 13.61 -20.84
N ILE B 18 -26.28 14.77 -21.26
CA ILE B 18 -26.03 16.01 -20.52
C ILE B 18 -26.67 15.93 -19.14
N ALA B 19 -27.82 15.29 -19.07
CA ALA B 19 -28.56 15.17 -17.81
C ALA B 19 -27.76 14.43 -16.74
N VAL B 20 -27.30 13.21 -17.05
CA VAL B 20 -26.56 12.43 -16.07
C VAL B 20 -25.27 13.11 -15.66
N ASN B 21 -24.61 13.72 -16.64
CA ASN B 21 -23.35 14.41 -16.39
C ASN B 21 -23.51 15.65 -15.52
N THR B 22 -24.56 16.42 -15.76
CA THR B 22 -24.83 17.59 -14.94
C THR B 22 -25.06 17.18 -13.49
N VAL B 23 -25.82 16.12 -13.30
CA VAL B 23 -26.10 15.58 -11.97
C VAL B 23 -24.83 15.03 -11.33
N ASP B 24 -24.03 14.31 -12.11
CA ASP B 24 -22.83 13.67 -11.58
C ASP B 24 -21.81 14.70 -11.09
N PHE B 25 -21.57 15.74 -11.90
CA PHE B 25 -20.60 16.75 -11.53
C PHE B 25 -21.17 17.61 -10.41
N PHE B 26 -22.48 17.75 -10.38
CA PHE B 26 -23.13 18.39 -9.24
C PHE B 26 -22.76 17.59 -7.98
N ASN B 27 -22.79 16.27 -8.07
CA ASN B 27 -22.41 15.43 -6.94
C ASN B 27 -20.92 15.56 -6.60
N GLN B 28 -20.06 15.50 -7.62
CA GLN B 28 -18.62 15.54 -7.42
C GLN B 28 -18.16 16.85 -6.79
N ILE B 29 -18.70 17.96 -7.28
CA ILE B 29 -18.29 19.26 -6.79
C ILE B 29 -18.75 19.47 -5.34
N ASN B 30 -19.95 19.01 -5.00
CA ASN B 30 -20.45 19.16 -3.65
C ASN B 30 -19.64 18.37 -2.61
N MET B 31 -19.23 17.16 -2.95
CA MET B 31 -18.37 16.40 -2.03
C MET B 31 -17.06 17.13 -1.90
N LEU B 32 -16.49 17.54 -3.03
CA LEU B 32 -15.19 18.19 -3.05
C LEU B 32 -15.19 19.52 -2.32
N TYR B 33 -16.17 20.38 -2.59
CA TYR B 33 -16.28 21.63 -1.86
C TYR B 33 -16.54 21.31 -0.39
N GLY B 34 -17.29 20.23 -0.17
CA GLY B 34 -17.62 19.79 1.17
C GLY B 34 -16.39 19.54 2.01
N THR B 35 -15.31 19.06 1.39
CA THR B 35 -14.12 18.70 2.15
C THR B 35 -13.40 19.92 2.74
N ILE B 36 -13.68 21.11 2.22
CA ILE B 36 -12.97 22.32 2.64
C ILE B 36 -13.94 23.44 3.01
N THR B 37 -15.19 23.09 3.21
CA THR B 37 -16.24 24.06 3.51
C THR B 37 -15.94 24.87 4.79
N GLU B 38 -15.29 24.23 5.76
CA GLU B 38 -14.94 24.90 7.02
C GLU B 38 -13.82 25.92 6.86
N PHE B 39 -13.03 25.75 5.81
CA PHE B 39 -11.88 26.61 5.58
C PHE B 39 -12.22 27.73 4.60
N CYS B 40 -13.42 27.65 4.06
CA CYS B 40 -13.99 28.71 3.21
C CYS B 40 -15.02 29.48 4.03
N THR B 41 -14.60 30.63 4.55
CA THR B 41 -15.43 31.40 5.48
C THR B 41 -15.63 32.86 5.05
N GLU B 42 -16.43 33.59 5.84
CA GLU B 42 -16.66 35.00 5.62
C GLU B 42 -15.38 35.83 5.73
N ALA B 43 -14.49 35.43 6.63
CA ALA B 43 -13.24 36.16 6.86
C ALA B 43 -12.20 35.83 5.81
N SER B 44 -12.15 34.57 5.41
CA SER B 44 -11.17 34.09 4.44
C SER B 44 -11.55 34.49 3.02
N CYS B 45 -12.85 34.48 2.74
CA CYS B 45 -13.35 34.74 1.40
C CYS B 45 -14.51 35.74 1.39
N PRO B 46 -14.20 37.02 1.64
CA PRO B 46 -15.22 38.08 1.70
C PRO B 46 -16.00 38.24 0.39
N VAL B 47 -15.42 37.76 -0.71
CA VAL B 47 -16.08 37.84 -2.01
C VAL B 47 -15.88 36.53 -2.76
N MET B 48 -16.79 36.23 -3.69
CA MET B 48 -16.63 35.09 -4.57
C MET B 48 -15.62 35.42 -5.65
N SER B 49 -14.49 34.73 -5.64
CA SER B 49 -13.43 35.04 -6.59
C SER B 49 -12.62 33.82 -7.00
N ALA B 50 -11.92 33.97 -8.12
CA ALA B 50 -11.03 32.95 -8.65
C ALA B 50 -9.71 33.59 -9.05
N GLY B 51 -8.98 34.09 -8.07
CA GLY B 51 -7.79 34.89 -8.32
C GLY B 51 -8.17 36.35 -8.27
N PRO B 52 -7.18 37.25 -8.21
CA PRO B 52 -7.48 38.68 -8.13
C PRO B 52 -8.29 39.22 -9.31
N ARG B 53 -8.09 38.67 -10.51
CA ARG B 53 -8.73 39.24 -11.70
C ARG B 53 -10.17 38.75 -11.89
N TYR B 54 -10.59 37.76 -11.12
CA TYR B 54 -11.89 37.12 -11.36
C TYR B 54 -12.75 37.07 -10.12
N GLU B 55 -13.78 37.91 -10.16
CA GLU B 55 -14.78 38.07 -9.12
C GLU B 55 -16.17 37.75 -9.67
N TYR B 56 -17.04 37.16 -8.84
CA TYR B 56 -18.39 36.78 -9.26
C TYR B 56 -19.49 37.32 -8.36
N HIS B 57 -20.60 37.75 -8.98
CA HIS B 57 -21.78 38.22 -8.26
C HIS B 57 -22.99 37.35 -8.58
N TRP B 58 -23.78 37.03 -7.57
CA TRP B 58 -24.92 36.13 -7.73
C TRP B 58 -26.13 36.85 -8.30
N ALA B 59 -26.83 36.17 -9.21
CA ALA B 59 -28.02 36.70 -9.89
C ALA B 59 -28.85 35.53 -10.37
N ASP B 60 -30.18 35.68 -10.39
CA ASP B 60 -31.03 34.50 -10.55
C ASP B 60 -31.75 34.24 -11.90
N GLY B 61 -32.77 34.99 -12.36
CA GLY B 61 -33.24 36.29 -11.92
C GLY B 61 -34.00 36.68 -13.19
N THR B 62 -34.10 37.96 -13.55
CA THR B 62 -34.78 38.30 -14.82
C THR B 62 -34.08 39.47 -15.51
N ASN B 63 -34.37 40.69 -15.07
CA ASN B 63 -33.72 41.88 -15.63
C ASN B 63 -32.45 42.12 -14.83
N ILE B 64 -31.48 41.22 -15.00
CA ILE B 64 -30.25 41.24 -14.22
C ILE B 64 -29.47 42.53 -14.43
N LYS B 65 -29.42 43.30 -13.36
CA LYS B 65 -28.81 44.61 -13.34
C LYS B 65 -28.48 44.82 -11.87
N LYS B 66 -27.24 45.13 -11.53
CA LYS B 66 -26.89 45.37 -10.15
C LYS B 66 -27.13 44.11 -9.31
N PRO B 67 -26.65 42.96 -9.79
CA PRO B 67 -26.88 41.71 -9.07
C PRO B 67 -26.27 41.74 -7.66
N ILE B 68 -26.18 40.59 -7.00
CA ILE B 68 -25.68 40.59 -5.63
C ILE B 68 -24.21 40.31 -5.49
N LYS B 69 -23.57 41.19 -4.74
CA LYS B 69 -22.21 41.00 -4.27
C LYS B 69 -22.29 40.21 -2.98
N CYS B 70 -21.73 39.02 -2.97
CA CYS B 70 -21.79 38.18 -1.78
C CYS B 70 -20.46 37.47 -1.52
N SER B 71 -20.38 36.80 -0.38
CA SER B 71 -19.19 36.07 0.00
C SER B 71 -19.10 34.77 -0.79
N ALA B 72 -17.92 34.17 -0.83
CA ALA B 72 -17.74 32.91 -1.55
C ALA B 72 -18.59 31.79 -0.90
N PRO B 73 -18.55 31.67 0.43
CA PRO B 73 -19.41 30.67 1.08
C PRO B 73 -20.90 30.84 0.77
N LYS B 74 -21.38 32.08 0.78
CA LYS B 74 -22.79 32.35 0.52
C LYS B 74 -23.14 32.19 -0.95
N TYR B 75 -22.26 32.66 -1.83
CA TYR B 75 -22.45 32.54 -3.27
C TYR B 75 -22.62 31.09 -3.68
N ILE B 76 -21.70 30.24 -3.22
CA ILE B 76 -21.72 28.82 -3.54
C ILE B 76 -22.96 28.16 -2.94
N ASP B 77 -23.40 28.65 -1.79
CA ASP B 77 -24.61 28.14 -1.16
C ASP B 77 -25.84 28.49 -1.99
N TYR B 78 -25.92 29.75 -2.39
CA TYR B 78 -27.00 30.23 -3.24
C TYR B 78 -27.04 29.38 -4.52
N LEU B 79 -25.86 29.12 -5.07
CA LEU B 79 -25.72 28.38 -6.32
C LEU B 79 -26.28 26.96 -6.24
N MET B 80 -25.78 26.18 -5.28
CA MET B 80 -26.14 24.78 -5.18
C MET B 80 -27.63 24.64 -4.88
N THR B 81 -28.17 25.60 -4.14
CA THR B 81 -29.59 25.61 -3.84
C THR B 81 -30.36 25.85 -5.13
N TRP B 82 -29.86 26.79 -5.93
CA TRP B 82 -30.47 27.11 -7.21
C TRP B 82 -30.41 25.93 -8.18
N VAL B 83 -29.21 25.36 -8.31
CA VAL B 83 -28.99 24.21 -9.18
C VAL B 83 -29.84 23.02 -8.76
N GLN B 84 -29.87 22.75 -7.45
CA GLN B 84 -30.56 21.56 -6.93
C GLN B 84 -32.04 21.49 -7.28
N ASP B 85 -32.74 22.61 -7.20
CA ASP B 85 -34.16 22.64 -7.57
C ASP B 85 -34.41 22.39 -9.05
N GLN B 86 -33.50 22.84 -9.91
CA GLN B 86 -33.68 22.60 -11.33
C GLN B 86 -33.51 21.11 -11.58
N LEU B 87 -32.57 20.50 -10.87
CA LEU B 87 -32.35 19.06 -10.97
C LEU B 87 -33.59 18.28 -10.51
N ASP B 88 -34.33 18.85 -9.55
CA ASP B 88 -35.53 18.22 -9.03
C ASP B 88 -36.78 18.53 -9.86
N ASP B 89 -36.60 19.30 -10.93
CA ASP B 89 -37.70 19.69 -11.81
C ASP B 89 -37.93 18.64 -12.91
N GLU B 90 -39.01 17.89 -12.75
CA GLU B 90 -39.35 16.80 -13.68
C GLU B 90 -39.62 17.30 -15.10
N THR B 91 -40.06 18.54 -15.22
CA THR B 91 -40.36 19.13 -16.52
C THR B 91 -39.06 19.47 -17.26
N LEU B 92 -37.98 19.61 -16.50
CA LEU B 92 -36.67 19.89 -17.06
C LEU B 92 -35.85 18.61 -17.17
N PHE B 93 -35.87 17.82 -16.10
CA PHE B 93 -35.13 16.58 -16.03
C PHE B 93 -36.06 15.39 -15.84
N PRO B 94 -36.64 14.87 -16.94
CA PRO B 94 -37.54 13.71 -16.86
C PRO B 94 -36.92 12.55 -16.10
N SER B 95 -37.64 12.04 -15.11
CA SER B 95 -37.18 10.89 -14.35
C SER B 95 -37.70 9.60 -14.97
N VAL B 99 -41.80 11.67 -20.68
CA VAL B 99 -41.80 13.12 -20.76
C VAL B 99 -40.54 13.61 -21.48
N PRO B 100 -40.70 14.30 -22.62
CA PRO B 100 -39.52 14.76 -23.37
C PRO B 100 -38.86 15.97 -22.73
N PHE B 101 -37.61 16.24 -23.12
CA PHE B 101 -36.92 17.43 -22.63
C PHE B 101 -37.48 18.69 -23.26
N PRO B 102 -37.54 19.79 -22.49
CA PRO B 102 -38.01 21.06 -23.04
C PRO B 102 -37.01 21.64 -24.05
N LYS B 103 -37.45 22.56 -24.90
CA LYS B 103 -36.56 23.13 -25.92
C LYS B 103 -35.42 23.99 -25.39
N ASN B 104 -35.63 24.70 -24.29
CA ASN B 104 -34.59 25.60 -23.78
C ASN B 104 -33.68 24.85 -22.81
N PHE B 105 -33.82 23.53 -22.79
CA PHE B 105 -33.06 22.67 -21.88
C PHE B 105 -31.56 22.95 -21.96
N MET B 106 -31.05 22.94 -23.19
CA MET B 106 -29.64 23.17 -23.46
C MET B 106 -29.14 24.45 -22.80
N SER B 107 -29.87 25.53 -22.98
CA SER B 107 -29.51 26.82 -22.39
C SER B 107 -29.44 26.74 -20.87
N VAL B 108 -30.39 26.02 -20.27
CA VAL B 108 -30.43 25.85 -18.83
C VAL B 108 -29.21 25.06 -18.34
N ALA B 109 -28.90 23.96 -19.03
CA ALA B 109 -27.77 23.14 -18.67
C ALA B 109 -26.48 23.95 -18.76
N LYS B 110 -26.38 24.75 -19.81
CA LYS B 110 -25.21 25.59 -20.03
C LYS B 110 -25.05 26.59 -18.88
N THR B 111 -26.15 27.16 -18.41
CA THR B 111 -26.09 28.11 -17.31
C THR B 111 -25.60 27.43 -16.04
N ILE B 112 -26.12 26.24 -15.77
CA ILE B 112 -25.69 25.47 -14.60
C ILE B 112 -24.20 25.13 -14.69
N LEU B 113 -23.81 24.54 -15.81
CA LEU B 113 -22.44 24.08 -16.00
C LEU B 113 -21.48 25.27 -15.94
N LYS B 114 -21.91 26.38 -16.52
CA LYS B 114 -21.15 27.62 -16.48
C LYS B 114 -20.89 28.07 -15.05
N ARG B 115 -21.90 27.94 -14.21
CA ARG B 115 -21.80 28.38 -12.82
C ARG B 115 -21.12 27.34 -11.92
N LEU B 116 -21.32 26.06 -12.21
CA LEU B 116 -20.63 25.02 -11.45
C LEU B 116 -19.12 25.14 -11.59
N PHE B 117 -18.67 25.53 -12.78
CA PHE B 117 -17.25 25.72 -13.05
C PHE B 117 -16.59 26.66 -12.04
N ARG B 118 -17.33 27.68 -11.63
CA ARG B 118 -16.79 28.72 -10.76
C ARG B 118 -16.38 28.16 -9.39
N VAL B 119 -16.99 27.06 -8.97
CA VAL B 119 -16.63 26.41 -7.73
C VAL B 119 -15.25 25.76 -7.87
N TYR B 120 -14.99 25.11 -8.99
CA TYR B 120 -13.66 24.59 -9.28
C TYR B 120 -12.65 25.72 -9.23
N ALA B 121 -12.99 26.82 -9.89
CA ALA B 121 -12.11 27.95 -10.00
C ALA B 121 -11.77 28.53 -8.63
N HIS B 122 -12.78 28.66 -7.78
CA HIS B 122 -12.57 29.19 -6.44
C HIS B 122 -11.70 28.27 -5.61
N ILE B 123 -11.97 26.97 -5.67
CA ILE B 123 -11.20 25.99 -4.91
C ILE B 123 -9.73 25.98 -5.31
N TYR B 124 -9.47 25.94 -6.61
CA TYR B 124 -8.09 25.93 -7.11
C TYR B 124 -7.35 27.21 -6.72
N HIS B 125 -8.03 28.34 -6.87
CA HIS B 125 -7.39 29.63 -6.63
C HIS B 125 -7.21 29.93 -5.14
N GLN B 126 -8.21 29.61 -4.33
CA GLN B 126 -8.23 30.07 -2.94
C GLN B 126 -7.94 28.99 -1.89
N HIS B 127 -8.14 27.72 -2.23
CA HIS B 127 -8.08 26.66 -1.22
C HIS B 127 -7.28 25.42 -1.64
N PHE B 128 -6.39 25.55 -2.61
CA PHE B 128 -5.66 24.39 -3.10
C PHE B 128 -4.67 23.84 -2.07
N ASP B 129 -4.17 24.70 -1.20
CA ASP B 129 -3.26 24.27 -0.15
C ASP B 129 -3.96 23.29 0.77
N SER B 130 -5.20 23.62 1.13
CA SER B 130 -5.99 22.78 2.01
C SER B 130 -6.32 21.46 1.34
N VAL B 131 -6.50 21.49 0.02
CA VAL B 131 -6.80 20.29 -0.73
C VAL B 131 -5.65 19.30 -0.65
N MET B 132 -4.43 19.77 -0.88
CA MET B 132 -3.26 18.90 -0.84
C MET B 132 -3.04 18.34 0.56
N GLN B 133 -3.19 19.18 1.58
CA GLN B 133 -3.05 18.75 2.96
C GLN B 133 -4.07 17.66 3.27
N LEU B 134 -5.25 17.79 2.68
CA LEU B 134 -6.33 16.82 2.86
C LEU B 134 -6.13 15.61 1.95
N GLN B 135 -5.08 15.67 1.13
CA GLN B 135 -4.76 14.61 0.16
C GLN B 135 -5.91 14.36 -0.81
N GLU B 136 -6.50 15.43 -1.33
CA GLU B 136 -7.58 15.34 -2.30
C GLU B 136 -7.20 15.99 -3.62
N GLU B 137 -5.90 16.21 -3.85
CA GLU B 137 -5.47 16.89 -5.06
C GLU B 137 -5.77 16.04 -6.30
N ALA B 138 -5.53 14.74 -6.19
CA ALA B 138 -5.77 13.82 -7.29
C ALA B 138 -7.26 13.77 -7.63
N HIS B 139 -8.09 13.75 -6.59
CA HIS B 139 -9.54 13.63 -6.76
C HIS B 139 -10.10 14.88 -7.45
N LEU B 140 -9.65 16.05 -7.02
CA LEU B 140 -10.10 17.30 -7.62
C LEU B 140 -9.65 17.35 -9.08
N ASN B 141 -8.41 16.99 -9.34
CA ASN B 141 -7.87 16.99 -10.70
C ASN B 141 -8.62 16.00 -11.60
N THR B 142 -8.95 14.83 -11.06
CA THR B 142 -9.68 13.82 -11.82
C THR B 142 -11.07 14.32 -12.18
N SER B 143 -11.75 14.88 -11.19
CA SER B 143 -13.09 15.43 -11.38
C SER B 143 -13.08 16.56 -12.40
N PHE B 144 -12.11 17.46 -12.25
CA PHE B 144 -12.00 18.62 -13.14
C PHE B 144 -11.70 18.19 -14.57
N LYS B 145 -10.80 17.22 -14.73
CA LYS B 145 -10.45 16.72 -16.05
C LYS B 145 -11.68 16.17 -16.77
N HIS B 146 -12.42 15.31 -16.09
CA HIS B 146 -13.65 14.72 -16.64
C HIS B 146 -14.66 15.80 -16.99
N PHE B 147 -14.80 16.78 -16.10
CA PHE B 147 -15.74 17.89 -16.29
C PHE B 147 -15.40 18.67 -17.55
N ILE B 148 -14.13 19.03 -17.70
CA ILE B 148 -13.72 19.83 -18.84
C ILE B 148 -13.90 19.02 -20.13
N PHE B 149 -13.50 17.75 -20.10
CA PHE B 149 -13.65 16.90 -21.29
C PHE B 149 -15.11 16.80 -21.71
N PHE B 150 -16.01 16.78 -20.73
CA PHE B 150 -17.44 16.71 -21.00
C PHE B 150 -17.95 17.97 -21.71
N VAL B 151 -17.60 19.14 -21.20
CA VAL B 151 -18.09 20.40 -21.76
C VAL B 151 -17.45 20.71 -23.13
N GLN B 152 -16.25 20.19 -23.36
CA GLN B 152 -15.55 20.44 -24.63
C GLN B 152 -16.27 19.85 -25.84
N GLU B 153 -16.89 18.69 -25.65
CA GLU B 153 -17.52 17.97 -26.75
C GLU B 153 -18.66 18.77 -27.39
N PHE B 154 -19.36 19.55 -26.58
CA PHE B 154 -20.54 20.30 -27.04
C PHE B 154 -20.48 21.80 -26.82
N ASN B 155 -19.32 22.31 -26.44
CA ASN B 155 -19.15 23.74 -26.15
C ASN B 155 -20.25 24.28 -25.22
N LEU B 156 -20.34 23.70 -24.03
CA LEU B 156 -21.37 24.08 -23.08
C LEU B 156 -20.90 25.27 -22.25
N ILE B 157 -19.62 25.58 -22.37
CA ILE B 157 -19.05 26.76 -21.75
C ILE B 157 -18.07 27.37 -22.74
N ASP B 158 -18.24 28.64 -23.04
CA ASP B 158 -17.38 29.32 -24.00
C ASP B 158 -16.02 29.60 -23.38
N ARG B 159 -14.99 29.64 -24.22
CA ARG B 159 -13.61 29.81 -23.78
C ARG B 159 -13.41 30.96 -22.77
N ARG B 160 -14.16 32.04 -22.91
CA ARG B 160 -14.02 33.17 -21.99
C ARG B 160 -14.40 32.84 -20.56
N GLU B 161 -15.44 32.03 -20.39
CA GLU B 161 -15.88 31.62 -19.06
C GLU B 161 -14.86 30.71 -18.39
N LEU B 162 -14.11 29.98 -19.20
CA LEU B 162 -13.12 29.04 -18.69
C LEU B 162 -11.80 29.74 -18.39
N ALA B 163 -11.74 31.04 -18.70
CA ALA B 163 -10.54 31.85 -18.54
C ALA B 163 -9.80 31.66 -17.22
N PRO B 164 -10.54 31.67 -16.09
CA PRO B 164 -9.86 31.64 -14.79
C PRO B 164 -8.98 30.42 -14.56
N LEU B 165 -9.16 29.36 -15.37
CA LEU B 165 -8.38 28.13 -15.23
C LEU B 165 -7.76 27.71 -16.55
N GLN B 166 -7.57 28.66 -17.47
CA GLN B 166 -7.12 28.32 -18.82
C GLN B 166 -5.74 27.67 -18.80
N GLU B 167 -4.85 28.15 -17.95
CA GLU B 167 -3.50 27.59 -17.86
C GLU B 167 -3.58 26.15 -17.35
N LEU B 168 -4.45 25.93 -16.37
CA LEU B 168 -4.67 24.60 -15.80
C LEU B 168 -5.28 23.65 -16.83
N ILE B 169 -6.28 24.15 -17.56
CA ILE B 169 -6.96 23.35 -18.57
C ILE B 169 -5.96 22.84 -19.61
N GLU B 170 -4.96 23.64 -19.90
CA GLU B 170 -3.93 23.28 -20.87
C GLU B 170 -3.08 22.10 -20.39
N LYS B 171 -2.85 21.99 -19.08
CA LYS B 171 -2.05 20.88 -18.56
C LYS B 171 -2.83 19.57 -18.58
N LEU B 172 -4.15 19.67 -18.47
CA LEU B 172 -5.02 18.50 -18.50
C LEU B 172 -5.53 18.28 -19.91
N GLY B 173 -4.70 17.65 -20.74
CA GLY B 173 -5.02 17.42 -22.13
C GLY B 173 -3.76 17.32 -22.97
N ASP C 13 -11.77 10.46 4.39
CA ASP C 13 -11.89 11.16 3.12
C ASP C 13 -11.93 10.22 1.94
N LEU C 14 -11.21 9.10 2.04
CA LEU C 14 -11.13 8.17 0.93
C LEU C 14 -12.49 7.53 0.69
N ASN C 15 -13.27 7.39 1.75
CA ASN C 15 -14.59 6.75 1.70
C ASN C 15 -15.58 7.59 0.89
N GLU C 16 -15.54 8.89 1.14
CA GLU C 16 -16.45 9.83 0.50
C GLU C 16 -16.24 9.83 -1.00
N TRP C 17 -14.98 9.69 -1.40
CA TRP C 17 -14.62 9.63 -2.81
C TRP C 17 -15.18 8.37 -3.45
N ILE C 18 -15.06 7.24 -2.74
CA ILE C 18 -15.58 5.97 -3.25
C ILE C 18 -17.09 6.06 -3.39
N ALA C 19 -17.73 6.74 -2.44
CA ALA C 19 -19.18 6.88 -2.43
C ALA C 19 -19.72 7.63 -3.64
N VAL C 20 -19.20 8.84 -3.86
CA VAL C 20 -19.68 9.69 -4.94
C VAL C 20 -19.43 9.05 -6.31
N ASN C 21 -18.29 8.40 -6.48
CA ASN C 21 -17.98 7.71 -7.73
C ASN C 21 -18.88 6.51 -7.95
N THR C 22 -19.17 5.78 -6.88
CA THR C 22 -20.07 4.65 -6.95
C THR C 22 -21.45 5.09 -7.41
N VAL C 23 -21.93 6.21 -6.88
CA VAL C 23 -23.20 6.77 -7.29
C VAL C 23 -23.13 7.25 -8.73
N ASP C 24 -22.03 7.90 -9.08
CA ASP C 24 -21.88 8.48 -10.40
C ASP C 24 -21.89 7.43 -11.50
N PHE C 25 -21.14 6.35 -11.32
CA PHE C 25 -21.08 5.34 -12.36
C PHE C 25 -22.40 4.58 -12.42
N PHE C 26 -23.04 4.41 -11.27
CA PHE C 26 -24.38 3.81 -11.23
C PHE C 26 -25.37 4.59 -12.09
N ASN C 27 -25.31 5.91 -12.00
CA ASN C 27 -26.16 6.77 -12.81
C ASN C 27 -25.81 6.60 -14.28
N GLN C 28 -24.51 6.55 -14.56
CA GLN C 28 -24.02 6.40 -15.92
C GLN C 28 -24.49 5.08 -16.54
N ILE C 29 -24.48 3.99 -15.77
CA ILE C 29 -24.86 2.69 -16.30
C ILE C 29 -26.34 2.66 -16.67
N ASN C 30 -27.17 3.24 -15.80
CA ASN C 30 -28.61 3.26 -16.02
C ASN C 30 -29.00 4.05 -17.25
N MET C 31 -28.30 5.16 -17.47
CA MET C 31 -28.50 5.97 -18.66
C MET C 31 -28.11 5.21 -19.93
N LEU C 32 -26.94 4.59 -19.90
CA LEU C 32 -26.43 3.91 -21.07
C LEU C 32 -27.29 2.70 -21.44
N TYR C 33 -27.65 1.89 -20.45
CA TYR C 33 -28.54 0.76 -20.69
C TYR C 33 -29.91 1.23 -21.18
N GLY C 34 -30.34 2.38 -20.67
CA GLY C 34 -31.62 2.94 -21.06
C GLY C 34 -31.73 3.17 -22.56
N THR C 35 -30.61 3.56 -23.17
CA THR C 35 -30.61 3.85 -24.60
C THR C 35 -30.77 2.58 -25.44
N ILE C 36 -30.55 1.41 -24.84
CA ILE C 36 -30.57 0.15 -25.58
C ILE C 36 -31.49 -0.91 -24.98
N THR C 37 -32.39 -0.50 -24.10
CA THR C 37 -33.30 -1.43 -23.43
C THR C 37 -34.17 -2.22 -24.41
N GLU C 38 -34.49 -1.61 -25.55
CA GLU C 38 -35.33 -2.27 -26.57
C GLU C 38 -34.60 -3.41 -27.27
N PHE C 39 -33.27 -3.40 -27.21
CA PHE C 39 -32.46 -4.42 -27.88
C PHE C 39 -32.14 -5.55 -26.92
N CYS C 40 -32.39 -5.33 -25.63
CA CYS C 40 -32.17 -6.35 -24.62
C CYS C 40 -33.49 -6.93 -24.12
N THR C 41 -33.84 -8.10 -24.64
CA THR C 41 -35.12 -8.74 -24.35
C THR C 41 -34.88 -10.17 -23.88
N GLU C 42 -35.94 -10.85 -23.45
CA GLU C 42 -35.82 -12.26 -23.10
C GLU C 42 -35.45 -13.08 -24.32
N ALA C 43 -35.93 -12.67 -25.49
CA ALA C 43 -35.67 -13.40 -26.73
C ALA C 43 -34.25 -13.11 -27.22
N SER C 44 -33.83 -11.86 -27.11
CA SER C 44 -32.50 -11.48 -27.55
C SER C 44 -31.47 -11.89 -26.51
N CYS C 45 -31.85 -11.77 -25.24
CA CYS C 45 -30.95 -12.08 -24.13
C CYS C 45 -31.64 -12.93 -23.06
N PRO C 46 -31.87 -14.22 -23.36
CA PRO C 46 -32.55 -15.15 -22.44
C PRO C 46 -31.84 -15.35 -21.12
N VAL C 47 -30.53 -15.05 -21.07
CA VAL C 47 -29.75 -15.19 -19.85
C VAL C 47 -28.78 -14.01 -19.68
N MET C 48 -28.34 -13.78 -18.45
CA MET C 48 -27.31 -12.78 -18.21
C MET C 48 -25.97 -13.25 -18.67
N SER C 49 -25.41 -12.57 -19.67
CA SER C 49 -24.13 -12.98 -20.22
C SER C 49 -23.28 -11.83 -20.74
N ALA C 50 -22.00 -12.13 -20.91
CA ALA C 50 -21.04 -11.21 -21.50
C ALA C 50 -20.26 -12.01 -22.53
N GLY C 51 -20.98 -12.46 -23.55
CA GLY C 51 -20.45 -13.40 -24.52
C GLY C 51 -20.88 -14.80 -24.10
N PRO C 52 -20.74 -15.78 -25.02
CA PRO C 52 -21.11 -17.17 -24.74
C PRO C 52 -20.36 -17.75 -23.53
N ARG C 53 -19.14 -17.26 -23.31
CA ARG C 53 -18.25 -17.82 -22.31
C ARG C 53 -18.55 -17.41 -20.86
N TYR C 54 -19.37 -16.37 -20.70
CA TYR C 54 -19.56 -15.79 -19.38
C TYR C 54 -21.02 -15.54 -19.06
N GLU C 55 -21.56 -16.34 -18.13
CA GLU C 55 -22.95 -16.17 -17.68
C GLU C 55 -23.00 -15.90 -16.17
N TYR C 56 -23.99 -15.11 -15.75
CA TYR C 56 -24.12 -14.69 -14.35
C TYR C 56 -25.50 -15.03 -13.76
N HIS C 57 -25.52 -15.45 -12.49
CA HIS C 57 -26.78 -15.74 -11.79
C HIS C 57 -26.96 -14.81 -10.59
N TRP C 58 -28.19 -14.30 -10.45
CA TRP C 58 -28.51 -13.30 -9.44
C TRP C 58 -28.78 -13.85 -8.04
N ALA C 59 -28.26 -13.15 -7.05
CA ALA C 59 -28.55 -13.44 -5.66
C ALA C 59 -28.32 -12.18 -4.85
N ASP C 60 -29.20 -11.94 -3.88
CA ASP C 60 -29.16 -10.73 -3.08
C ASP C 60 -27.99 -10.64 -2.09
N GLY C 61 -27.74 -11.65 -1.24
CA GLY C 61 -28.50 -12.88 -1.18
C GLY C 61 -29.47 -12.98 -0.01
N THR C 62 -29.49 -11.96 0.82
CA THR C 62 -30.34 -11.96 2.01
C THR C 62 -31.78 -12.28 1.60
N ASN C 63 -32.22 -11.73 0.47
CA ASN C 63 -33.55 -11.99 -0.06
C ASN C 63 -33.53 -13.24 -0.93
N ILE C 64 -32.35 -13.59 -1.45
CA ILE C 64 -32.20 -14.75 -2.33
C ILE C 64 -30.78 -15.29 -2.18
N LYS C 65 -30.61 -16.37 -1.41
CA LYS C 65 -29.28 -16.85 -1.04
C LYS C 65 -28.82 -17.96 -2.00
N LYS C 66 -29.65 -18.21 -2.99
CA LYS C 66 -29.40 -19.17 -4.06
C LYS C 66 -29.39 -18.48 -5.43
N PRO C 67 -28.22 -18.37 -6.07
CA PRO C 67 -28.20 -17.63 -7.33
C PRO C 67 -29.26 -18.11 -8.34
N ILE C 68 -29.98 -17.16 -8.90
CA ILE C 68 -31.08 -17.42 -9.82
C ILE C 68 -30.61 -17.27 -11.25
N LYS C 69 -30.94 -18.25 -12.08
CA LYS C 69 -30.72 -18.10 -13.52
C LYS C 69 -31.95 -17.44 -14.15
N CYS C 70 -31.75 -16.22 -14.62
CA CYS C 70 -32.82 -15.41 -15.22
C CYS C 70 -32.29 -14.68 -16.45
N SER C 71 -33.18 -13.96 -17.13
CA SER C 71 -32.79 -13.20 -18.31
C SER C 71 -31.99 -11.97 -17.94
N ALA C 72 -31.28 -11.43 -18.92
CA ALA C 72 -30.46 -10.24 -18.69
C ALA C 72 -31.28 -9.02 -18.29
N PRO C 73 -32.38 -8.74 -19.01
CA PRO C 73 -33.21 -7.60 -18.62
C PRO C 73 -33.70 -7.64 -17.17
N LYS C 74 -34.12 -8.81 -16.70
CA LYS C 74 -34.67 -8.93 -15.35
C LYS C 74 -33.60 -8.84 -14.26
N TYR C 75 -32.46 -9.48 -14.51
CA TYR C 75 -31.31 -9.43 -13.59
C TYR C 75 -30.90 -7.98 -13.38
N ILE C 76 -30.78 -7.26 -14.48
CA ILE C 76 -30.39 -5.86 -14.44
C ILE C 76 -31.44 -5.12 -13.60
N ASP C 77 -32.69 -5.57 -13.68
CA ASP C 77 -33.72 -4.97 -12.85
C ASP C 77 -33.44 -5.26 -11.38
N TYR C 78 -33.20 -6.54 -11.06
CA TYR C 78 -32.80 -6.90 -9.70
C TYR C 78 -31.57 -6.13 -9.26
N LEU C 79 -30.58 -6.04 -10.15
CA LEU C 79 -29.32 -5.37 -9.84
C LEU C 79 -29.54 -3.90 -9.50
N MET C 80 -30.16 -3.16 -10.41
CA MET C 80 -30.30 -1.72 -10.25
C MET C 80 -31.19 -1.36 -9.06
N THR C 81 -32.22 -2.15 -8.81
CA THR C 81 -33.07 -1.93 -7.65
C THR C 81 -32.30 -2.24 -6.38
N TRP C 82 -31.52 -3.32 -6.41
CA TRP C 82 -30.72 -3.71 -5.27
C TRP C 82 -29.69 -2.64 -4.92
N VAL C 83 -28.96 -2.18 -5.93
CA VAL C 83 -27.93 -1.17 -5.73
C VAL C 83 -28.53 0.12 -5.17
N GLN C 84 -29.62 0.59 -5.77
CA GLN C 84 -30.26 1.84 -5.34
C GLN C 84 -30.74 1.75 -3.90
N ASP C 85 -31.23 0.58 -3.50
CA ASP C 85 -31.71 0.39 -2.14
C ASP C 85 -30.59 0.63 -1.14
N GLN C 86 -29.39 0.22 -1.51
CA GLN C 86 -28.22 0.43 -0.66
C GLN C 86 -27.77 1.89 -0.66
N LEU C 87 -27.85 2.53 -1.82
CA LEU C 87 -27.47 3.93 -1.94
C LEU C 87 -28.37 4.82 -1.08
N ASP C 88 -29.63 4.42 -0.94
CA ASP C 88 -30.58 5.19 -0.14
C ASP C 88 -30.52 4.81 1.33
N ASP C 89 -29.63 3.89 1.68
CA ASP C 89 -29.44 3.45 3.06
C ASP C 89 -28.44 4.35 3.77
N GLU C 90 -28.95 5.23 4.64
CA GLU C 90 -28.12 6.20 5.34
C GLU C 90 -27.04 5.56 6.22
N THR C 91 -27.27 4.33 6.67
CA THR C 91 -26.28 3.65 7.51
C THR C 91 -25.11 3.17 6.66
N LEU C 92 -25.32 3.05 5.35
CA LEU C 92 -24.28 2.67 4.40
C LEU C 92 -23.72 3.89 3.69
N PHE C 93 -24.63 4.76 3.25
CA PHE C 93 -24.29 5.98 2.53
C PHE C 93 -24.78 7.19 3.33
N PRO C 94 -23.98 7.65 4.30
CA PRO C 94 -24.31 8.78 5.19
C PRO C 94 -24.78 10.03 4.47
N SER C 95 -25.93 10.56 4.89
CA SER C 95 -26.44 11.81 4.36
C SER C 95 -25.95 12.99 5.20
N LYS C 96 -25.29 12.68 6.31
CA LYS C 96 -24.72 13.69 7.21
C LYS C 96 -23.24 13.41 7.42
N ILE C 97 -22.46 14.48 7.53
CA ILE C 97 -21.04 14.35 7.82
C ILE C 97 -20.88 13.75 9.22
N GLY C 98 -21.92 13.91 10.04
CA GLY C 98 -21.92 13.44 11.41
C GLY C 98 -22.26 11.97 11.60
N VAL C 99 -22.51 11.27 10.50
CA VAL C 99 -22.78 9.83 10.55
C VAL C 99 -21.61 9.09 9.92
N PRO C 100 -20.90 8.27 10.71
CA PRO C 100 -19.71 7.62 10.14
C PRO C 100 -20.06 6.48 9.19
N PHE C 101 -19.10 6.11 8.36
CA PHE C 101 -19.24 4.97 7.47
C PHE C 101 -19.17 3.66 8.24
N PRO C 102 -19.93 2.65 7.80
CA PRO C 102 -19.86 1.35 8.47
C PRO C 102 -18.50 0.72 8.27
N LYS C 103 -18.18 -0.26 9.10
CA LYS C 103 -16.85 -0.86 9.10
C LYS C 103 -16.59 -1.56 7.78
N ASN C 104 -17.65 -2.14 7.22
CA ASN C 104 -17.60 -2.90 5.98
C ASN C 104 -17.93 -2.14 4.69
N PHE C 105 -18.00 -0.81 4.74
CA PHE C 105 -18.45 -0.04 3.57
C PHE C 105 -17.71 -0.40 2.29
N MET C 106 -16.38 -0.37 2.33
CA MET C 106 -15.57 -0.69 1.17
C MET C 106 -15.98 -2.04 0.57
N SER C 107 -16.15 -3.04 1.42
CA SER C 107 -16.58 -4.36 0.98
C SER C 107 -17.91 -4.26 0.23
N VAL C 108 -18.83 -3.44 0.73
CA VAL C 108 -20.12 -3.25 0.09
C VAL C 108 -19.96 -2.57 -1.27
N ALA C 109 -19.16 -1.51 -1.32
CA ALA C 109 -18.92 -0.77 -2.55
C ALA C 109 -18.30 -1.68 -3.61
N LYS C 110 -17.34 -2.50 -3.18
CA LYS C 110 -16.66 -3.43 -4.06
C LYS C 110 -17.66 -4.42 -4.68
N THR C 111 -18.61 -4.87 -3.87
CA THR C 111 -19.62 -5.80 -4.33
C THR C 111 -20.52 -5.19 -5.40
N ILE C 112 -20.93 -3.94 -5.17
CA ILE C 112 -21.75 -3.22 -6.13
C ILE C 112 -21.00 -3.06 -7.44
N LEU C 113 -19.79 -2.54 -7.34
CA LEU C 113 -18.96 -2.25 -8.51
C LEU C 113 -18.68 -3.51 -9.31
N LYS C 114 -18.45 -4.61 -8.60
CA LYS C 114 -18.23 -5.90 -9.22
C LYS C 114 -19.42 -6.30 -10.08
N ARG C 115 -20.62 -6.03 -9.59
CA ARG C 115 -21.84 -6.35 -10.32
C ARG C 115 -22.20 -5.30 -11.37
N LEU C 116 -21.91 -4.03 -11.08
CA LEU C 116 -22.14 -2.97 -12.07
C LEU C 116 -21.29 -3.21 -13.30
N PHE C 117 -20.08 -3.72 -13.08
CA PHE C 117 -19.15 -4.04 -14.16
C PHE C 117 -19.79 -4.99 -15.18
N ARG C 118 -20.62 -5.91 -14.69
CA ARG C 118 -21.21 -6.93 -15.53
C ARG C 118 -22.18 -6.33 -16.55
N VAL C 119 -22.71 -5.15 -16.26
CA VAL C 119 -23.59 -4.47 -17.19
C VAL C 119 -22.79 -3.96 -18.39
N TYR C 120 -21.60 -3.40 -18.14
CA TYR C 120 -20.71 -3.01 -19.22
C TYR C 120 -20.41 -4.21 -20.11
N ALA C 121 -20.07 -5.31 -19.46
CA ALA C 121 -19.67 -6.52 -20.15
C ALA C 121 -20.79 -7.04 -21.05
N HIS C 122 -22.02 -7.02 -20.54
CA HIS C 122 -23.16 -7.48 -21.32
C HIS C 122 -23.42 -6.56 -22.51
N ILE C 123 -23.37 -5.24 -22.27
CA ILE C 123 -23.61 -4.26 -23.33
C ILE C 123 -22.58 -4.39 -24.45
N TYR C 124 -21.32 -4.48 -24.07
CA TYR C 124 -20.24 -4.59 -25.05
C TYR C 124 -20.34 -5.87 -25.89
N HIS C 125 -20.64 -6.99 -25.25
CA HIS C 125 -20.64 -8.27 -25.95
C HIS C 125 -21.86 -8.48 -26.84
N GLN C 126 -23.04 -8.11 -26.36
CA GLN C 126 -24.29 -8.45 -27.03
C GLN C 126 -24.97 -7.29 -27.77
N HIS C 127 -24.65 -6.05 -27.38
CA HIS C 127 -25.39 -4.90 -27.90
C HIS C 127 -24.51 -3.74 -28.36
N PHE C 128 -23.25 -4.01 -28.67
CA PHE C 128 -22.35 -2.93 -29.09
C PHE C 128 -22.81 -2.40 -30.45
N ASP C 129 -23.44 -3.27 -31.22
CA ASP C 129 -23.98 -2.87 -32.51
C ASP C 129 -25.04 -1.81 -32.30
N SER C 130 -25.90 -2.05 -31.33
CA SER C 130 -26.98 -1.14 -30.99
C SER C 130 -26.45 0.18 -30.42
N VAL C 131 -25.34 0.12 -29.68
CA VAL C 131 -24.73 1.32 -29.13
C VAL C 131 -24.27 2.22 -30.27
N MET C 132 -23.55 1.63 -31.22
CA MET C 132 -23.04 2.36 -32.37
C MET C 132 -24.15 2.89 -33.27
N GLN C 133 -25.19 2.09 -33.44
CA GLN C 133 -26.34 2.48 -34.26
C GLN C 133 -26.93 3.79 -33.71
N LEU C 134 -26.89 3.94 -32.39
CA LEU C 134 -27.35 5.15 -31.72
C LEU C 134 -26.27 6.24 -31.67
N GLN C 135 -25.08 5.92 -32.19
CA GLN C 135 -23.94 6.83 -32.17
C GLN C 135 -23.57 7.27 -30.74
N GLU C 136 -23.53 6.31 -29.83
CA GLU C 136 -23.18 6.57 -28.44
C GLU C 136 -21.95 5.80 -27.97
N GLU C 137 -21.15 5.30 -28.91
CA GLU C 137 -19.99 4.47 -28.55
C GLU C 137 -18.95 5.24 -27.73
N ALA C 138 -18.73 6.50 -28.07
CA ALA C 138 -17.76 7.32 -27.35
C ALA C 138 -18.17 7.49 -25.88
N HIS C 139 -19.46 7.71 -25.67
CA HIS C 139 -19.99 7.90 -24.32
C HIS C 139 -19.87 6.62 -23.51
N LEU C 140 -20.17 5.49 -24.13
CA LEU C 140 -20.01 4.20 -23.47
C LEU C 140 -18.55 3.96 -23.12
N ASN C 141 -17.68 4.22 -24.08
CA ASN C 141 -16.25 4.05 -23.89
C ASN C 141 -15.72 5.04 -22.85
N THR C 142 -16.24 6.26 -22.88
CA THR C 142 -15.85 7.28 -21.91
C THR C 142 -16.27 6.86 -20.51
N SER C 143 -17.52 6.39 -20.37
CA SER C 143 -18.03 5.92 -19.09
C SER C 143 -17.20 4.74 -18.59
N PHE C 144 -16.92 3.79 -19.48
CA PHE C 144 -16.17 2.59 -19.12
C PHE C 144 -14.72 2.91 -18.72
N LYS C 145 -14.07 3.77 -19.49
CA LYS C 145 -12.68 4.15 -19.21
C LYS C 145 -12.56 4.77 -17.81
N HIS C 146 -13.43 5.72 -17.49
CA HIS C 146 -13.46 6.33 -16.16
C HIS C 146 -13.69 5.26 -15.09
N PHE C 147 -14.60 4.35 -15.38
CA PHE C 147 -14.94 3.27 -14.45
C PHE C 147 -13.74 2.38 -14.16
N ILE C 148 -13.05 1.95 -15.20
CA ILE C 148 -11.92 1.03 -15.05
C ILE C 148 -10.77 1.69 -14.28
N PHE C 149 -10.48 2.94 -14.61
CA PHE C 149 -9.42 3.67 -13.92
C PHE C 149 -9.73 3.81 -12.44
N PHE C 150 -11.00 3.98 -12.11
CA PHE C 150 -11.43 4.13 -10.72
C PHE C 150 -11.21 2.83 -9.93
N VAL C 151 -11.66 1.71 -10.49
CA VAL C 151 -11.57 0.43 -9.79
C VAL C 151 -10.13 -0.11 -9.70
N GLN C 152 -9.31 0.20 -10.69
CA GLN C 152 -7.93 -0.26 -10.68
C GLN C 152 -7.10 0.45 -9.62
N GLU C 153 -7.32 1.75 -9.47
CA GLU C 153 -6.58 2.55 -8.51
C GLU C 153 -6.85 2.11 -7.07
N PHE C 154 -8.05 1.58 -6.84
CA PHE C 154 -8.47 1.26 -5.47
C PHE C 154 -8.73 -0.23 -5.30
N ASN C 155 -8.35 -1.02 -6.31
CA ASN C 155 -8.52 -2.47 -6.28
C ASN C 155 -9.92 -2.88 -5.86
N LEU C 156 -10.93 -2.37 -6.56
CA LEU C 156 -12.32 -2.61 -6.18
C LEU C 156 -12.89 -3.85 -6.86
N ILE C 157 -12.17 -4.38 -7.84
CA ILE C 157 -12.56 -5.63 -8.50
C ILE C 157 -11.33 -6.48 -8.78
N ASP C 158 -11.40 -7.77 -8.44
CA ASP C 158 -10.30 -8.69 -8.65
C ASP C 158 -10.17 -9.03 -10.14
N ARG C 159 -8.94 -9.28 -10.58
CA ARG C 159 -8.64 -9.54 -11.98
C ARG C 159 -9.49 -10.66 -12.60
N ARG C 160 -9.84 -11.66 -11.81
CA ARG C 160 -10.63 -12.78 -12.34
C ARG C 160 -12.02 -12.36 -12.81
N GLU C 161 -12.64 -11.42 -12.09
CA GLU C 161 -13.95 -10.91 -12.49
C GLU C 161 -13.90 -10.08 -13.78
N LEU C 162 -12.76 -9.47 -14.06
CA LEU C 162 -12.62 -8.58 -15.20
C LEU C 162 -12.31 -9.30 -16.52
N ALA C 163 -12.17 -10.61 -16.46
CA ALA C 163 -11.80 -11.43 -17.62
C ALA C 163 -12.58 -11.12 -18.91
N PRO C 164 -13.92 -10.98 -18.83
CA PRO C 164 -14.72 -10.82 -20.05
C PRO C 164 -14.36 -9.60 -20.89
N LEU C 165 -13.64 -8.64 -20.30
CA LEU C 165 -13.28 -7.41 -21.00
C LEU C 165 -11.78 -7.14 -20.94
N GLN C 166 -11.00 -8.20 -20.74
CA GLN C 166 -9.56 -8.08 -20.55
C GLN C 166 -8.89 -7.42 -21.74
N GLU C 167 -9.29 -7.83 -22.94
CA GLU C 167 -8.70 -7.30 -24.16
C GLU C 167 -9.03 -5.81 -24.33
N LEU C 168 -10.25 -5.43 -24.00
CA LEU C 168 -10.66 -4.03 -24.06
C LEU C 168 -9.89 -3.20 -23.04
N ILE C 169 -9.83 -3.72 -21.82
CA ILE C 169 -9.15 -3.04 -20.72
C ILE C 169 -7.68 -2.81 -21.08
N GLU C 170 -7.10 -3.75 -21.81
CA GLU C 170 -5.71 -3.63 -22.24
C GLU C 170 -5.55 -2.47 -23.21
N LYS C 171 -6.58 -2.19 -23.99
CA LYS C 171 -6.48 -1.14 -25.01
C LYS C 171 -6.61 0.25 -24.41
N LEU C 172 -7.32 0.35 -23.28
CA LEU C 172 -7.53 1.64 -22.61
C LEU C 172 -6.49 1.87 -21.52
N ASP D 13 11.22 26.76 33.19
CA ASP D 13 11.04 26.99 31.77
C ASP D 13 12.04 26.20 30.93
N LEU D 14 13.27 26.72 30.83
CA LEU D 14 14.29 26.12 29.99
C LEU D 14 14.78 24.75 30.47
N ASN D 15 14.77 24.53 31.79
CA ASN D 15 15.27 23.29 32.35
C ASN D 15 14.35 22.13 31.99
N GLU D 16 13.05 22.35 32.12
CA GLU D 16 12.05 21.33 31.84
C GLU D 16 12.10 20.93 30.37
N TRP D 17 12.32 21.90 29.50
CA TRP D 17 12.40 21.66 28.06
C TRP D 17 13.59 20.77 27.70
N ILE D 18 14.75 21.07 28.27
CA ILE D 18 15.94 20.26 28.03
C ILE D 18 15.79 18.86 28.63
N ALA D 19 15.13 18.77 29.77
CA ALA D 19 14.93 17.48 30.44
C ALA D 19 14.13 16.54 29.55
N VAL D 20 12.97 17.01 29.10
CA VAL D 20 12.08 16.21 28.29
C VAL D 20 12.76 15.84 26.97
N ASN D 21 13.52 16.76 26.40
CA ASN D 21 14.24 16.46 25.17
C ASN D 21 15.32 15.42 25.42
N THR D 22 16.03 15.56 26.53
CA THR D 22 17.08 14.61 26.90
C THR D 22 16.48 13.23 27.10
N VAL D 23 15.33 13.16 27.78
CA VAL D 23 14.64 11.89 28.00
C VAL D 23 14.11 11.32 26.69
N ASP D 24 13.54 12.20 25.87
CA ASP D 24 12.95 11.78 24.59
C ASP D 24 14.02 11.23 23.68
N PHE D 25 15.16 11.91 23.59
CA PHE D 25 16.21 11.45 22.69
C PHE D 25 16.87 10.20 23.26
N PHE D 26 16.94 10.09 24.58
CA PHE D 26 17.45 8.87 25.21
C PHE D 26 16.64 7.66 24.72
N ASN D 27 15.33 7.85 24.63
CA ASN D 27 14.44 6.80 24.14
C ASN D 27 14.74 6.47 22.68
N GLN D 28 14.90 7.53 21.89
CA GLN D 28 15.17 7.39 20.46
C GLN D 28 16.49 6.67 20.18
N ILE D 29 17.54 7.03 20.91
CA ILE D 29 18.85 6.46 20.67
C ILE D 29 18.85 4.97 20.98
N ASN D 30 18.21 4.61 22.08
CA ASN D 30 18.15 3.21 22.48
C ASN D 30 17.36 2.38 21.48
N MET D 31 16.27 2.95 20.97
CA MET D 31 15.49 2.28 19.93
C MET D 31 16.31 2.13 18.65
N LEU D 32 16.94 3.22 18.22
CA LEU D 32 17.71 3.22 16.99
C LEU D 32 18.91 2.28 17.06
N TYR D 33 19.67 2.37 18.14
CA TYR D 33 20.79 1.45 18.35
C TYR D 33 20.27 0.02 18.46
N GLY D 34 19.07 -0.10 19.03
CA GLY D 34 18.43 -1.39 19.21
C GLY D 34 18.29 -2.19 17.92
N THR D 35 18.07 -1.50 16.81
CA THR D 35 17.86 -2.17 15.54
C THR D 35 19.13 -2.86 15.05
N ILE D 36 20.28 -2.45 15.61
CA ILE D 36 21.57 -2.97 15.17
C ILE D 36 22.51 -3.45 16.28
N THR D 37 21.98 -3.62 17.50
CA THR D 37 22.81 -3.98 18.65
C THR D 37 23.57 -5.29 18.42
N GLU D 38 22.95 -6.19 17.68
CA GLU D 38 23.51 -7.50 17.38
C GLU D 38 24.66 -7.44 16.41
N PHE D 39 24.64 -6.38 15.59
CA PHE D 39 25.60 -6.21 14.52
C PHE D 39 26.70 -5.26 14.96
N CYS D 40 26.53 -4.70 16.16
CA CYS D 40 27.57 -3.92 16.81
C CYS D 40 28.16 -4.80 17.90
N THR D 41 29.30 -5.42 17.57
CA THR D 41 29.91 -6.41 18.42
C THR D 41 31.36 -6.05 18.71
N GLU D 42 32.01 -6.88 19.53
CA GLU D 42 33.41 -6.69 19.86
C GLU D 42 34.26 -6.76 18.61
N ALA D 43 33.85 -7.61 17.67
CA ALA D 43 34.57 -7.80 16.43
C ALA D 43 34.29 -6.68 15.41
N SER D 44 33.04 -6.22 15.37
CA SER D 44 32.66 -5.20 14.39
C SER D 44 33.13 -3.80 14.73
N CYS D 45 33.04 -3.45 16.01
CA CYS D 45 33.41 -2.12 16.48
C CYS D 45 34.24 -2.29 17.75
N PRO D 46 35.49 -2.73 17.59
CA PRO D 46 36.41 -3.03 18.69
C PRO D 46 36.62 -1.86 19.61
N VAL D 47 36.34 -0.66 19.13
CA VAL D 47 36.50 0.52 19.94
C VAL D 47 35.40 1.53 19.71
N MET D 48 35.15 2.41 20.68
CA MET D 48 34.20 3.48 20.44
C MET D 48 34.83 4.53 19.56
N SER D 49 34.33 4.60 18.34
CA SER D 49 34.85 5.51 17.35
C SER D 49 33.74 5.93 16.39
N ALA D 50 33.99 7.00 15.66
CA ALA D 50 33.08 7.48 14.64
C ALA D 50 33.94 7.76 13.41
N GLY D 51 34.47 6.69 12.85
CA GLY D 51 35.48 6.76 11.81
C GLY D 51 36.84 6.65 12.47
N PRO D 52 37.89 6.38 11.67
CA PRO D 52 39.25 6.23 12.21
C PRO D 52 39.80 7.46 12.94
N ARG D 53 39.42 8.66 12.54
CA ARG D 53 40.05 9.88 13.06
C ARG D 53 39.49 10.30 14.42
N TYR D 54 38.39 9.69 14.84
CA TYR D 54 37.67 10.12 16.05
C TYR D 54 37.35 8.94 16.95
N GLU D 55 38.04 8.91 18.08
CA GLU D 55 37.88 7.89 19.10
C GLU D 55 37.48 8.43 20.49
N TYR D 56 36.70 7.65 21.23
CA TYR D 56 36.23 8.05 22.56
C TYR D 56 36.53 7.02 23.65
N HIS D 57 36.90 7.51 24.83
CA HIS D 57 37.16 6.68 26.00
C HIS D 57 36.19 7.00 27.14
N TRP D 58 35.71 5.95 27.82
CA TRP D 58 34.72 6.12 28.88
C TRP D 58 35.40 6.55 30.18
N LYS D 69 40.70 1.55 27.83
CA LYS D 69 39.76 1.76 26.73
C LYS D 69 38.80 0.57 26.62
N CYS D 70 37.65 0.79 25.97
CA CYS D 70 36.64 -0.26 25.85
C CYS D 70 36.08 -0.33 24.43
N SER D 71 35.25 -1.34 24.20
CA SER D 71 34.64 -1.56 22.90
C SER D 71 33.48 -0.59 22.65
N ALA D 72 33.08 -0.47 21.40
CA ALA D 72 31.94 0.38 21.06
C ALA D 72 30.67 -0.18 21.71
N PRO D 73 30.44 -1.51 21.61
CA PRO D 73 29.30 -2.11 22.32
C PRO D 73 29.30 -1.83 23.82
N LYS D 74 30.47 -1.89 24.45
CA LYS D 74 30.57 -1.68 25.89
C LYS D 74 30.39 -0.23 26.31
N TYR D 75 30.99 0.69 25.56
CA TYR D 75 30.87 2.11 25.88
C TYR D 75 29.41 2.54 25.95
N ILE D 76 28.64 2.20 24.92
CA ILE D 76 27.23 2.56 24.87
C ILE D 76 26.44 1.89 25.98
N ASP D 77 26.81 0.66 26.33
CA ASP D 77 26.14 -0.01 27.43
C ASP D 77 26.48 0.70 28.73
N TYR D 78 27.77 0.97 28.92
CA TYR D 78 28.24 1.74 30.06
C TYR D 78 27.49 3.07 30.08
N LEU D 79 27.37 3.68 28.91
CA LEU D 79 26.73 4.97 28.76
C LEU D 79 25.25 4.95 29.16
N MET D 80 24.48 4.08 28.51
CA MET D 80 23.02 4.07 28.69
C MET D 80 22.60 3.67 30.11
N THR D 81 23.34 2.75 30.73
CA THR D 81 23.05 2.38 32.12
C THR D 81 23.34 3.57 33.03
N TRP D 82 24.42 4.28 32.72
CA TRP D 82 24.80 5.48 33.45
C TRP D 82 23.74 6.57 33.30
N VAL D 83 23.30 6.81 32.07
CA VAL D 83 22.26 7.79 31.79
C VAL D 83 20.96 7.42 32.51
N GLN D 84 20.62 6.14 32.49
CA GLN D 84 19.39 5.66 33.13
C GLN D 84 19.38 6.01 34.61
N ASP D 85 20.52 5.91 35.26
CA ASP D 85 20.65 6.26 36.67
C ASP D 85 20.39 7.75 36.91
N GLN D 86 20.81 8.58 35.97
CA GLN D 86 20.62 10.03 36.09
C GLN D 86 19.17 10.47 35.91
N LEU D 87 18.51 9.90 34.90
CA LEU D 87 17.12 10.22 34.62
C LEU D 87 16.22 9.81 35.78
N ASP D 88 16.60 8.74 36.48
CA ASP D 88 15.84 8.25 37.62
C ASP D 88 16.22 8.97 38.92
N ASP D 89 17.13 9.92 38.84
CA ASP D 89 17.57 10.67 40.01
C ASP D 89 16.63 11.85 40.23
N GLU D 90 15.76 11.73 41.23
CA GLU D 90 14.77 12.76 41.51
C GLU D 90 15.42 14.10 41.87
N THR D 91 16.62 14.05 42.44
CA THR D 91 17.32 15.28 42.82
C THR D 91 17.92 15.97 41.61
N LEU D 92 18.09 15.23 40.51
CA LEU D 92 18.58 15.81 39.26
C LEU D 92 17.42 16.08 38.32
N PHE D 93 16.57 15.06 38.16
CA PHE D 93 15.41 15.12 37.28
C PHE D 93 14.13 14.88 38.07
N PRO D 94 13.57 15.94 38.68
CA PRO D 94 12.34 15.83 39.49
C PRO D 94 11.20 15.11 38.79
N PHE D 101 15.21 22.28 40.15
CA PHE D 101 16.38 21.73 39.48
C PHE D 101 17.65 22.19 40.18
N PRO D 102 18.67 21.31 40.26
CA PRO D 102 19.93 21.75 40.88
C PRO D 102 20.65 22.79 40.02
N LYS D 103 21.54 23.57 40.62
CA LYS D 103 22.22 24.63 39.89
C LYS D 103 23.13 24.08 38.80
N ASN D 104 23.70 22.89 39.03
CA ASN D 104 24.61 22.30 38.07
C ASN D 104 23.86 21.44 37.05
N PHE D 105 22.53 21.53 37.08
CA PHE D 105 21.68 20.70 36.23
C PHE D 105 22.08 20.82 34.77
N MET D 106 22.17 22.06 34.30
CA MET D 106 22.52 22.37 32.92
C MET D 106 23.81 21.68 32.47
N SER D 107 24.87 21.79 33.26
CA SER D 107 26.14 21.13 32.95
C SER D 107 25.99 19.62 32.86
N VAL D 108 25.19 19.06 33.76
CA VAL D 108 24.92 17.62 33.74
C VAL D 108 24.21 17.26 32.46
N ALA D 109 23.21 18.08 32.11
CA ALA D 109 22.46 17.86 30.88
C ALA D 109 23.39 17.95 29.67
N LYS D 110 24.27 18.96 29.68
CA LYS D 110 25.22 19.14 28.58
C LYS D 110 26.14 17.94 28.47
N THR D 111 26.53 17.39 29.62
CA THR D 111 27.43 16.23 29.66
C THR D 111 26.77 15.01 29.02
N ILE D 112 25.50 14.79 29.35
CA ILE D 112 24.75 13.67 28.78
C ILE D 112 24.55 13.77 27.28
N LEU D 113 24.04 14.91 26.83
CA LEU D 113 23.71 15.12 25.43
C LEU D 113 24.95 14.97 24.55
N LYS D 114 26.08 15.44 25.07
CA LYS D 114 27.34 15.37 24.35
C LYS D 114 27.70 13.91 24.06
N ARG D 115 27.44 13.03 25.03
CA ARG D 115 27.77 11.61 24.89
C ARG D 115 26.74 10.87 24.06
N LEU D 116 25.49 11.28 24.15
CA LEU D 116 24.44 10.70 23.33
C LEU D 116 24.75 10.96 21.84
N PHE D 117 25.34 12.13 21.57
CA PHE D 117 25.77 12.47 20.22
C PHE D 117 26.70 11.42 19.64
N ARG D 118 27.55 10.86 20.49
CA ARG D 118 28.55 9.89 20.04
C ARG D 118 27.93 8.64 19.44
N VAL D 119 26.71 8.33 19.87
CA VAL D 119 26.01 7.16 19.32
C VAL D 119 25.60 7.45 17.87
N TYR D 120 25.11 8.66 17.62
CA TYR D 120 24.81 9.08 16.25
C TYR D 120 26.05 8.95 15.37
N ALA D 121 27.16 9.48 15.89
CA ALA D 121 28.41 9.51 15.14
C ALA D 121 28.89 8.09 14.80
N HIS D 122 28.78 7.20 15.77
CA HIS D 122 29.19 5.81 15.57
C HIS D 122 28.32 5.09 14.55
N ILE D 123 27.00 5.26 14.68
CA ILE D 123 26.05 4.62 13.79
C ILE D 123 26.24 5.06 12.33
N TYR D 124 26.41 6.36 12.13
CA TYR D 124 26.62 6.90 10.80
C TYR D 124 27.90 6.34 10.18
N HIS D 125 28.97 6.34 10.95
CA HIS D 125 30.29 5.96 10.43
C HIS D 125 30.47 4.46 10.24
N GLN D 126 29.96 3.68 11.19
CA GLN D 126 30.30 2.26 11.26
C GLN D 126 29.17 1.33 10.80
N HIS D 127 27.93 1.82 10.82
CA HIS D 127 26.78 0.96 10.57
C HIS D 127 25.70 1.54 9.64
N PHE D 128 26.04 2.55 8.83
CA PHE D 128 25.03 3.19 7.99
C PHE D 128 24.53 2.30 6.85
N ASP D 129 25.39 1.43 6.33
CA ASP D 129 25.00 0.51 5.27
C ASP D 129 23.92 -0.44 5.77
N SER D 130 24.13 -0.95 6.98
CA SER D 130 23.21 -1.89 7.61
C SER D 130 21.87 -1.23 7.89
N VAL D 131 21.90 0.07 8.19
CA VAL D 131 20.67 0.83 8.45
C VAL D 131 19.74 0.84 7.25
N MET D 132 20.26 1.19 6.09
CA MET D 132 19.44 1.24 4.86
C MET D 132 18.91 -0.15 4.52
N GLN D 133 19.71 -1.18 4.73
CA GLN D 133 19.26 -2.54 4.47
C GLN D 133 18.00 -2.79 5.28
N LEU D 134 17.96 -2.26 6.50
CA LEU D 134 16.79 -2.35 7.36
C LEU D 134 15.79 -1.21 7.11
N GLN D 135 16.15 -0.31 6.19
CA GLN D 135 15.32 0.84 5.83
C GLN D 135 15.00 1.79 6.99
N GLU D 136 16.01 2.17 7.76
CA GLU D 136 15.84 3.11 8.87
C GLU D 136 16.62 4.39 8.68
N GLU D 137 17.05 4.67 7.46
CA GLU D 137 17.84 5.86 7.19
C GLU D 137 16.97 7.09 7.47
N ALA D 138 15.70 7.01 7.08
CA ALA D 138 14.78 8.10 7.27
C ALA D 138 14.55 8.40 8.75
N HIS D 139 14.41 7.35 9.54
CA HIS D 139 14.14 7.47 10.96
C HIS D 139 15.35 8.04 11.71
N LEU D 140 16.54 7.55 11.36
CA LEU D 140 17.77 8.05 11.97
C LEU D 140 18.00 9.52 11.64
N ASN D 141 17.81 9.88 10.38
CA ASN D 141 18.00 11.26 9.95
C ASN D 141 17.01 12.21 10.61
N THR D 142 15.77 11.77 10.72
CA THR D 142 14.73 12.57 11.35
C THR D 142 15.07 12.78 12.82
N SER D 143 15.47 11.71 13.49
CA SER D 143 15.89 11.76 14.87
C SER D 143 17.10 12.67 15.03
N PHE D 144 18.05 12.52 14.11
CA PHE D 144 19.28 13.32 14.14
C PHE D 144 18.97 14.80 13.91
N LYS D 145 18.12 15.07 12.92
CA LYS D 145 17.74 16.44 12.60
C LYS D 145 17.08 17.13 13.79
N HIS D 146 16.11 16.46 14.40
CA HIS D 146 15.44 16.99 15.59
C HIS D 146 16.45 17.20 16.72
N PHE D 147 17.34 16.23 16.89
CA PHE D 147 18.37 16.30 17.91
C PHE D 147 19.32 17.46 17.70
N ILE D 148 19.83 17.59 16.47
CA ILE D 148 20.82 18.63 16.19
C ILE D 148 20.22 20.03 16.32
N PHE D 149 19.01 20.25 15.82
CA PHE D 149 18.36 21.55 15.96
C PHE D 149 18.17 21.87 17.45
N PHE D 150 17.92 20.84 18.24
CA PHE D 150 17.75 20.99 19.69
C PHE D 150 19.02 21.44 20.40
N VAL D 151 20.15 20.78 20.14
CA VAL D 151 21.37 21.14 20.85
C VAL D 151 21.85 22.51 20.35
N GLN D 152 21.57 22.80 19.07
CA GLN D 152 21.91 24.09 18.48
C GLN D 152 21.03 25.18 19.10
N GLU D 153 19.84 24.80 19.55
CA GLU D 153 18.88 25.75 20.11
C GLU D 153 19.51 26.48 21.28
N PHE D 154 20.31 25.76 22.06
CA PHE D 154 20.93 26.34 23.24
C PHE D 154 22.45 26.17 23.23
N ASN D 155 23.00 25.71 22.12
CA ASN D 155 24.43 25.43 22.03
C ASN D 155 24.88 24.59 23.22
N LEU D 156 24.27 23.41 23.36
CA LEU D 156 24.51 22.52 24.49
C LEU D 156 25.72 21.63 24.22
N ILE D 157 26.23 21.71 22.99
CA ILE D 157 27.43 20.98 22.62
C ILE D 157 28.35 21.88 21.78
N ASP D 158 29.62 21.85 22.13
CA ASP D 158 30.61 22.69 21.45
C ASP D 158 30.89 22.17 20.05
N ARG D 159 31.21 23.09 19.15
CA ARG D 159 31.42 22.77 17.74
C ARG D 159 32.43 21.65 17.50
N ARG D 160 33.46 21.60 18.31
CA ARG D 160 34.50 20.59 18.14
C ARG D 160 34.02 19.16 18.38
N GLU D 161 33.14 18.97 19.34
CA GLU D 161 32.62 17.64 19.63
C GLU D 161 31.76 17.14 18.47
N LEU D 162 31.17 18.07 17.73
CA LEU D 162 30.29 17.73 16.62
C LEU D 162 31.07 17.53 15.32
N ALA D 163 32.39 17.72 15.41
CA ALA D 163 33.29 17.59 14.26
C ALA D 163 33.05 16.33 13.41
N PRO D 164 32.88 15.16 14.04
CA PRO D 164 32.81 13.92 13.26
C PRO D 164 31.68 13.86 12.24
N LEU D 165 30.67 14.72 12.39
CA LEU D 165 29.51 14.72 11.50
C LEU D 165 29.29 16.12 10.95
N GLN D 166 30.37 16.90 10.92
CA GLN D 166 30.30 18.31 10.59
C GLN D 166 29.74 18.55 9.19
N GLU D 167 30.16 17.71 8.24
CA GLU D 167 29.74 17.85 6.85
C GLU D 167 28.24 17.58 6.67
N LEU D 168 27.70 16.62 7.41
CA LEU D 168 26.29 16.29 7.35
C LEU D 168 25.39 17.42 7.86
N ILE D 169 25.79 18.02 8.97
CA ILE D 169 24.99 19.05 9.65
C ILE D 169 24.62 20.28 8.81
N GLU D 170 25.54 20.78 7.98
CA GLU D 170 25.23 21.96 7.18
C GLU D 170 24.20 21.64 6.11
N LYS D 171 24.20 20.38 5.66
CA LYS D 171 23.29 19.92 4.61
C LYS D 171 21.87 19.85 5.14
N LEU D 172 21.72 19.83 6.46
CA LEU D 172 20.42 19.72 7.10
C LEU D 172 19.78 21.10 7.27
N ASP E 13 10.44 -3.64 10.90
CA ASP E 13 9.09 -3.50 11.40
C ASP E 13 8.82 -2.08 11.86
N LEU E 14 7.77 -1.49 11.31
CA LEU E 14 7.42 -0.10 11.55
C LEU E 14 6.99 0.19 12.99
N ASN E 15 6.53 -0.84 13.71
CA ASN E 15 5.94 -0.66 15.02
C ASN E 15 6.84 -0.02 16.08
N GLU E 16 8.11 -0.43 16.15
CA GLU E 16 9.01 0.13 17.16
C GLU E 16 9.21 1.63 16.95
N TRP E 17 9.28 2.06 15.70
CA TRP E 17 9.44 3.48 15.40
C TRP E 17 8.24 4.31 15.86
N ILE E 18 7.06 3.80 15.58
CA ILE E 18 5.83 4.47 15.99
C ILE E 18 5.70 4.51 17.51
N ALA E 19 6.19 3.47 18.18
CA ALA E 19 6.12 3.38 19.63
C ALA E 19 6.87 4.52 20.32
N VAL E 20 8.15 4.71 19.98
CA VAL E 20 8.94 5.74 20.63
C VAL E 20 8.40 7.14 20.39
N ASN E 21 7.91 7.40 19.17
CA ASN E 21 7.35 8.71 18.86
C ASN E 21 6.07 8.97 19.65
N THR E 22 5.25 7.94 19.79
CA THR E 22 4.02 8.05 20.58
C THR E 22 4.42 8.42 22.01
N VAL E 23 5.45 7.75 22.50
CA VAL E 23 6.01 8.03 23.81
C VAL E 23 6.67 9.40 23.81
N ASP E 24 7.37 9.71 22.72
CA ASP E 24 8.11 10.95 22.59
C ASP E 24 7.18 12.14 22.68
N PHE E 25 6.09 12.10 21.93
CA PHE E 25 5.17 13.21 21.90
C PHE E 25 4.29 13.27 23.15
N PHE E 26 4.00 12.11 23.74
CA PHE E 26 3.27 12.07 25.00
C PHE E 26 4.02 12.88 26.05
N ASN E 27 5.35 12.69 26.08
CA ASN E 27 6.22 13.40 27.00
C ASN E 27 6.24 14.91 26.73
N GLN E 28 6.35 15.27 25.46
CA GLN E 28 6.42 16.68 25.07
C GLN E 28 5.15 17.45 25.43
N ILE E 29 4.00 16.83 25.18
CA ILE E 29 2.71 17.48 25.40
C ILE E 29 2.43 17.71 26.89
N ASN E 30 2.75 16.73 27.73
CA ASN E 30 2.56 16.86 29.16
C ASN E 30 3.43 17.96 29.73
N MET E 31 4.62 18.07 29.16
CA MET E 31 5.54 19.11 29.56
C MET E 31 4.99 20.49 29.21
N LEU E 32 4.54 20.63 27.96
CA LEU E 32 4.06 21.91 27.44
C LEU E 32 2.80 22.37 28.16
N TYR E 33 1.85 21.44 28.34
CA TYR E 33 0.64 21.75 29.10
C TYR E 33 1.00 22.08 30.55
N GLY E 34 2.04 21.41 31.05
CA GLY E 34 2.51 21.64 32.41
C GLY E 34 2.87 23.09 32.66
N THR E 35 3.39 23.76 31.63
CA THR E 35 3.82 25.14 31.75
C THR E 35 2.65 26.10 31.94
N ILE E 36 1.44 25.67 31.56
CA ILE E 36 0.27 26.56 31.62
C ILE E 36 -0.96 25.96 32.32
N THR E 37 -0.78 24.86 33.03
CA THR E 37 -1.93 24.19 33.67
C THR E 37 -2.65 25.08 34.68
N GLU E 38 -1.93 25.96 35.36
CA GLU E 38 -2.55 26.84 36.34
C GLU E 38 -3.40 27.92 35.68
N PHE E 39 -3.14 28.17 34.40
CA PHE E 39 -3.85 29.19 33.65
C PHE E 39 -4.99 28.53 32.88
N CYS E 40 -5.00 27.20 32.93
CA CYS E 40 -6.11 26.40 32.40
C CYS E 40 -6.92 25.89 33.57
N THR E 41 -8.03 26.56 33.86
CA THR E 41 -8.84 26.24 35.04
C THR E 41 -10.27 25.96 34.62
N GLU E 42 -11.09 25.53 35.57
CA GLU E 42 -12.50 25.32 35.31
C GLU E 42 -13.17 26.65 34.96
N ALA E 43 -12.66 27.73 35.54
CA ALA E 43 -13.23 29.05 35.30
C ALA E 43 -12.81 29.57 33.94
N SER E 44 -11.55 29.32 33.57
CA SER E 44 -11.02 29.78 32.28
C SER E 44 -11.47 28.85 31.15
N CYS E 45 -11.53 27.56 31.43
CA CYS E 45 -11.85 26.55 30.43
C CYS E 45 -12.88 25.55 30.97
N PRO E 46 -14.15 25.98 31.07
CA PRO E 46 -15.23 25.14 31.60
C PRO E 46 -15.45 23.85 30.82
N VAL E 47 -14.98 23.82 29.57
CA VAL E 47 -15.08 22.63 28.74
C VAL E 47 -13.80 22.40 27.95
N MET E 48 -13.56 21.16 27.55
CA MET E 48 -12.44 20.85 26.67
C MET E 48 -12.81 21.28 25.26
N SER E 49 -12.06 22.24 24.73
CA SER E 49 -12.37 22.78 23.43
C SER E 49 -11.13 23.18 22.65
N ALA E 50 -11.31 23.31 21.33
CA ALA E 50 -10.26 23.74 20.43
C ALA E 50 -10.80 24.79 19.49
N GLY E 51 -11.16 25.95 20.05
CA GLY E 51 -11.87 26.96 19.30
C GLY E 51 -13.36 26.82 19.56
N PRO E 52 -14.14 27.84 19.17
CA PRO E 52 -15.59 27.83 19.40
C PRO E 52 -16.30 26.64 18.74
N ARG E 53 -15.80 26.21 17.59
CA ARG E 53 -16.50 25.21 16.78
C ARG E 53 -16.23 23.78 17.26
N TYR E 54 -15.27 23.62 18.17
CA TYR E 54 -14.77 22.28 18.52
C TYR E 54 -14.67 21.99 20.02
N GLU E 55 -15.57 21.14 20.51
CA GLU E 55 -15.56 20.66 21.89
C GLU E 55 -15.44 19.14 21.90
N TYR E 56 -14.78 18.60 22.93
CA TYR E 56 -14.52 17.16 23.03
C TYR E 56 -15.04 16.59 24.35
N HIS E 57 -15.59 15.39 24.29
CA HIS E 57 -16.08 14.68 25.48
C HIS E 57 -15.32 13.37 25.68
N TRP E 58 -14.97 13.05 26.92
CA TRP E 58 -14.12 11.88 27.19
C TRP E 58 -14.89 10.56 27.14
N ALA E 59 -14.36 9.60 26.38
CA ALA E 59 -14.95 8.27 26.31
C ALA E 59 -14.01 7.22 25.70
N ASP E 60 -14.60 6.08 25.30
CA ASP E 60 -13.89 4.92 24.73
C ASP E 60 -12.80 4.35 25.62
N GLY E 61 -12.69 4.84 26.85
CA GLY E 61 -12.03 4.09 27.89
C GLY E 61 -13.10 3.11 28.29
N THR E 62 -12.74 1.96 28.84
CA THR E 62 -13.76 0.98 29.17
C THR E 62 -14.32 1.28 30.55
N ASN E 63 -13.79 2.32 31.19
CA ASN E 63 -14.27 2.74 32.49
C ASN E 63 -15.44 3.70 32.25
N ILE E 64 -15.22 4.65 31.34
CA ILE E 64 -16.22 5.65 30.96
C ILE E 64 -16.64 5.51 29.50
N LYS E 65 -17.93 5.22 29.30
CA LYS E 65 -18.50 5.00 27.98
C LYS E 65 -19.26 6.27 27.58
N LYS E 66 -20.53 6.43 27.98
CA LYS E 66 -21.27 7.68 27.74
C LYS E 66 -20.37 8.90 27.84
N PRO E 67 -20.01 9.52 26.70
CA PRO E 67 -19.06 10.63 26.78
C PRO E 67 -19.51 11.67 27.80
N ILE E 68 -18.58 12.04 28.67
CA ILE E 68 -18.87 12.96 29.77
C ILE E 68 -18.48 14.37 29.38
N LYS E 69 -19.36 15.31 29.67
CA LYS E 69 -19.06 16.72 29.47
C LYS E 69 -18.35 17.26 30.70
N CYS E 70 -17.07 17.59 30.52
CA CYS E 70 -16.23 18.08 31.62
C CYS E 70 -15.30 19.21 31.15
N SER E 71 -14.59 19.78 32.11
CA SER E 71 -13.65 20.87 31.85
C SER E 71 -12.37 20.38 31.18
N ALA E 72 -11.62 21.31 30.59
CA ALA E 72 -10.36 21.00 29.92
C ALA E 72 -9.33 20.42 30.89
N PRO E 73 -9.17 21.03 32.08
CA PRO E 73 -8.23 20.45 33.04
C PRO E 73 -8.53 18.99 33.34
N LYS E 74 -9.81 18.65 33.48
CA LYS E 74 -10.19 17.26 33.79
C LYS E 74 -10.08 16.37 32.56
N TYR E 75 -10.50 16.86 31.40
CA TYR E 75 -10.38 16.06 30.18
C TYR E 75 -8.93 15.68 29.96
N ILE E 76 -8.04 16.67 30.04
CA ILE E 76 -6.62 16.44 29.89
C ILE E 76 -6.13 15.56 31.04
N ASP E 77 -6.74 15.68 32.21
CA ASP E 77 -6.38 14.84 33.35
C ASP E 77 -6.74 13.37 33.09
N TYR E 78 -7.99 13.11 32.73
CA TYR E 78 -8.42 11.76 32.35
C TYR E 78 -7.60 11.18 31.20
N LEU E 79 -7.32 11.99 30.19
CA LEU E 79 -6.58 11.54 29.01
C LEU E 79 -5.20 11.01 29.36
N MET E 80 -4.41 11.85 30.02
CA MET E 80 -3.01 11.52 30.27
C MET E 80 -2.82 10.30 31.15
N THR E 81 -3.73 10.09 32.11
CA THR E 81 -3.65 8.89 32.94
C THR E 81 -3.96 7.67 32.08
N TRP E 82 -4.96 7.80 31.21
CA TRP E 82 -5.36 6.73 30.32
C TRP E 82 -4.24 6.36 29.36
N VAL E 83 -3.65 7.38 28.73
CA VAL E 83 -2.54 7.15 27.80
C VAL E 83 -1.37 6.51 28.53
N GLN E 84 -1.02 7.05 29.69
CA GLN E 84 0.11 6.55 30.47
C GLN E 84 -0.08 5.09 30.86
N ASP E 85 -1.32 4.72 31.18
CA ASP E 85 -1.65 3.36 31.55
C ASP E 85 -1.39 2.38 30.40
N GLN E 86 -1.63 2.83 29.17
CA GLN E 86 -1.41 2.00 28.00
C GLN E 86 0.09 1.81 27.74
N LEU E 87 0.85 2.87 27.95
CA LEU E 87 2.30 2.82 27.77
C LEU E 87 2.96 1.82 28.71
N ASP E 88 2.38 1.69 29.90
CA ASP E 88 2.92 0.77 30.92
C ASP E 88 2.38 -0.64 30.74
N ASP E 89 1.54 -0.84 29.72
CA ASP E 89 0.98 -2.14 29.42
C ASP E 89 1.90 -2.92 28.50
N GLU E 90 2.60 -3.91 29.07
CA GLU E 90 3.54 -4.72 28.31
C GLU E 90 2.89 -5.44 27.14
N THR E 91 1.61 -5.73 27.27
CA THR E 91 0.89 -6.42 26.21
C THR E 91 0.63 -5.46 25.04
N LEU E 92 0.67 -4.16 25.31
CA LEU E 92 0.45 -3.15 24.28
C LEU E 92 1.76 -2.53 23.78
N PHE E 93 2.63 -2.13 24.72
CA PHE E 93 3.93 -1.54 24.40
C PHE E 93 5.06 -2.39 24.96
N PRO E 94 5.48 -3.42 24.23
CA PRO E 94 6.53 -4.35 24.68
C PRO E 94 7.85 -3.68 25.11
N SER E 95 8.29 -4.03 26.32
CA SER E 95 9.57 -3.59 26.86
C SER E 95 10.62 -4.65 26.53
N LYS E 96 10.19 -5.74 25.90
CA LYS E 96 11.07 -6.84 25.56
C LYS E 96 11.10 -7.10 24.05
N ILE E 97 12.29 -7.41 23.54
CA ILE E 97 12.46 -7.74 22.12
C ILE E 97 11.78 -9.07 21.77
N GLY E 98 11.64 -9.95 22.76
CA GLY E 98 11.06 -11.25 22.56
C GLY E 98 9.54 -11.24 22.62
N VAL E 99 8.95 -10.07 22.84
CA VAL E 99 7.50 -9.91 22.90
C VAL E 99 6.97 -9.13 21.71
N PRO E 100 6.07 -9.75 20.92
CA PRO E 100 5.57 -9.06 19.74
C PRO E 100 4.57 -7.97 20.09
N PHE E 101 4.35 -7.06 19.15
CA PHE E 101 3.33 -6.03 19.32
C PHE E 101 1.97 -6.68 19.15
N PRO E 102 0.96 -6.20 19.88
CA PRO E 102 -0.35 -6.82 19.70
C PRO E 102 -0.87 -6.57 18.28
N LYS E 103 -1.83 -7.38 17.84
CA LYS E 103 -2.32 -7.29 16.48
C LYS E 103 -3.01 -5.96 16.24
N ASN E 104 -3.66 -5.43 17.29
CA ASN E 104 -4.40 -4.18 17.19
C ASN E 104 -3.55 -2.95 17.55
N PHE E 105 -2.24 -3.14 17.67
CA PHE E 105 -1.37 -2.05 18.13
C PHE E 105 -1.53 -0.74 17.38
N MET E 106 -1.41 -0.82 16.07
CA MET E 106 -1.47 0.36 15.22
C MET E 106 -2.74 1.16 15.54
N SER E 107 -3.87 0.46 15.64
CA SER E 107 -5.14 1.07 15.99
C SER E 107 -5.06 1.75 17.36
N VAL E 108 -4.38 1.11 18.31
CA VAL E 108 -4.22 1.67 19.65
C VAL E 108 -3.40 2.96 19.61
N ALA E 109 -2.33 2.95 18.82
CA ALA E 109 -1.46 4.11 18.67
C ALA E 109 -2.22 5.31 18.11
N LYS E 110 -3.07 5.07 17.11
CA LYS E 110 -3.83 6.15 16.49
C LYS E 110 -4.78 6.88 17.44
N THR E 111 -5.47 6.13 18.29
CA THR E 111 -6.43 6.73 19.23
C THR E 111 -5.71 7.65 20.19
N ILE E 112 -4.55 7.21 20.66
CA ILE E 112 -3.74 8.01 21.57
C ILE E 112 -3.32 9.31 20.89
N LEU E 113 -2.71 9.20 19.71
CA LEU E 113 -2.21 10.35 18.98
C LEU E 113 -3.32 11.32 18.60
N LYS E 114 -4.47 10.76 18.24
CA LYS E 114 -5.64 11.56 17.90
C LYS E 114 -6.09 12.48 19.03
N ARG E 115 -6.08 11.96 20.26
CA ARG E 115 -6.54 12.75 21.39
C ARG E 115 -5.43 13.65 21.91
N LEU E 116 -4.19 13.17 21.81
CA LEU E 116 -3.05 13.97 22.18
C LEU E 116 -3.02 15.23 21.33
N PHE E 117 -3.45 15.11 20.07
CA PHE E 117 -3.56 16.26 19.19
C PHE E 117 -4.48 17.32 19.80
N ARG E 118 -5.54 16.88 20.48
CA ARG E 118 -6.54 17.80 21.01
C ARG E 118 -5.95 18.72 22.08
N VAL E 119 -4.90 18.26 22.75
CA VAL E 119 -4.22 19.08 23.73
C VAL E 119 -3.47 20.20 23.02
N TYR E 120 -2.83 19.87 21.90
CA TYR E 120 -2.19 20.89 21.06
C TYR E 120 -3.22 21.92 20.66
N ALA E 121 -4.36 21.45 20.17
CA ALA E 121 -5.41 22.32 19.66
C ALA E 121 -5.96 23.24 20.75
N HIS E 122 -6.19 22.68 21.94
CA HIS E 122 -6.73 23.44 23.06
C HIS E 122 -5.74 24.53 23.51
N ILE E 123 -4.48 24.17 23.63
CA ILE E 123 -3.44 25.09 24.06
C ILE E 123 -3.32 26.25 23.07
N TYR E 124 -3.29 25.93 21.78
CA TYR E 124 -3.16 26.94 20.75
C TYR E 124 -4.33 27.93 20.78
N HIS E 125 -5.54 27.41 20.91
CA HIS E 125 -6.73 28.24 20.82
C HIS E 125 -6.95 29.08 22.09
N GLN E 126 -6.73 28.48 23.25
CA GLN E 126 -7.13 29.10 24.51
C GLN E 126 -5.97 29.65 25.36
N HIS E 127 -4.75 29.19 25.11
CA HIS E 127 -3.63 29.51 26.00
C HIS E 127 -2.36 29.99 25.30
N PHE E 128 -2.46 30.48 24.07
CA PHE E 128 -1.28 30.92 23.34
C PHE E 128 -0.69 32.17 23.98
N ASP E 129 -1.54 32.94 24.64
CA ASP E 129 -1.13 34.15 25.32
C ASP E 129 -0.12 33.88 26.43
N SER E 130 -0.40 32.91 27.29
CA SER E 130 0.53 32.57 28.36
C SER E 130 1.81 31.96 27.82
N VAL E 131 1.69 31.22 26.71
CA VAL E 131 2.84 30.58 26.08
C VAL E 131 3.84 31.64 25.63
N MET E 132 3.35 32.69 24.96
CA MET E 132 4.23 33.78 24.52
C MET E 132 4.88 34.47 25.71
N GLN E 133 4.15 34.64 26.80
CA GLN E 133 4.72 35.20 28.02
C GLN E 133 5.89 34.40 28.53
N LEU E 134 5.79 33.07 28.39
CA LEU E 134 6.82 32.17 28.84
C LEU E 134 7.93 32.03 27.83
N GLN E 135 7.79 32.71 26.70
CA GLN E 135 8.77 32.61 25.61
C GLN E 135 8.87 31.15 25.19
N GLU E 136 7.71 30.51 25.05
CA GLU E 136 7.62 29.11 24.65
C GLU E 136 6.93 28.91 23.33
N GLU E 137 6.80 29.98 22.54
CA GLU E 137 6.12 29.86 21.26
C GLU E 137 6.90 28.93 20.34
N ALA E 138 8.22 29.05 20.35
CA ALA E 138 9.08 28.22 19.52
C ALA E 138 8.99 26.75 19.93
N HIS E 139 8.96 26.50 21.23
CA HIS E 139 8.92 25.13 21.75
C HIS E 139 7.60 24.44 21.40
N LEU E 140 6.50 25.15 21.57
CA LEU E 140 5.19 24.61 21.21
C LEU E 140 5.13 24.35 19.71
N ASN E 141 5.60 25.31 18.93
CA ASN E 141 5.59 25.20 17.47
C ASN E 141 6.51 24.08 16.97
N THR E 142 7.69 23.96 17.56
CA THR E 142 8.64 22.93 17.17
C THR E 142 8.07 21.55 17.46
N SER E 143 7.50 21.39 18.65
CA SER E 143 6.89 20.13 19.05
C SER E 143 5.73 19.77 18.12
N PHE E 144 4.89 20.75 17.82
CA PHE E 144 3.73 20.51 16.97
C PHE E 144 4.12 20.14 15.55
N LYS E 145 5.10 20.87 14.99
CA LYS E 145 5.57 20.59 13.64
C LYS E 145 6.04 19.14 13.54
N HIS E 146 6.88 18.75 14.48
CA HIS E 146 7.38 17.37 14.56
C HIS E 146 6.21 16.41 14.69
N PHE E 147 5.24 16.78 15.52
CA PHE E 147 4.07 15.96 15.75
C PHE E 147 3.26 15.76 14.46
N ILE E 148 2.96 16.86 13.77
CA ILE E 148 2.14 16.78 12.57
C ILE E 148 2.88 16.07 11.43
N PHE E 149 4.16 16.38 11.28
CA PHE E 149 4.98 15.72 10.25
C PHE E 149 5.03 14.21 10.50
N PHE E 150 5.08 13.82 11.77
CA PHE E 150 5.07 12.41 12.12
C PHE E 150 3.74 11.72 11.80
N VAL E 151 2.63 12.32 12.20
CA VAL E 151 1.32 11.71 12.02
C VAL E 151 0.86 11.67 10.57
N GLN E 152 1.25 12.66 9.77
CA GLN E 152 0.86 12.69 8.35
C GLN E 152 1.57 11.60 7.54
N GLU E 153 2.83 11.34 7.86
CA GLU E 153 3.65 10.40 7.10
C GLU E 153 3.09 8.97 7.13
N PHE E 154 2.40 8.64 8.23
CA PHE E 154 1.88 7.30 8.46
C PHE E 154 0.36 7.26 8.59
N ASN E 155 -0.29 8.40 8.30
CA ASN E 155 -1.74 8.52 8.38
C ASN E 155 -2.30 8.00 9.71
N LEU E 156 -1.82 8.56 10.82
CA LEU E 156 -2.20 8.10 12.14
C LEU E 156 -3.43 8.82 12.70
N ILE E 157 -3.83 9.89 12.02
CA ILE E 157 -5.01 10.66 12.40
C ILE E 157 -5.77 11.05 11.15
N ASP E 158 -7.08 10.86 11.14
CA ASP E 158 -7.85 11.24 9.96
C ASP E 158 -7.89 12.75 9.96
N ARG E 159 -7.72 13.33 8.78
CA ARG E 159 -7.66 14.76 8.59
C ARG E 159 -8.89 15.50 9.08
N ARG E 160 -10.03 14.81 9.10
CA ARG E 160 -11.29 15.41 9.54
C ARG E 160 -11.09 15.87 10.98
N GLU E 161 -10.33 15.07 11.74
CA GLU E 161 -10.00 15.37 13.14
C GLU E 161 -9.05 16.57 13.28
N LEU E 162 -8.26 16.83 12.24
CA LEU E 162 -7.23 17.89 12.29
C LEU E 162 -7.76 19.28 11.97
N ALA E 163 -9.06 19.38 11.67
CA ALA E 163 -9.69 20.64 11.28
C ALA E 163 -9.32 21.86 12.15
N PRO E 164 -9.32 21.70 13.48
CA PRO E 164 -9.13 22.88 14.34
C PRO E 164 -7.82 23.65 14.14
N LEU E 165 -6.84 23.05 13.48
CA LEU E 165 -5.54 23.69 13.27
C LEU E 165 -5.12 23.67 11.81
N GLN E 166 -6.08 23.55 10.90
CA GLN E 166 -5.79 23.35 9.49
C GLN E 166 -4.96 24.48 8.91
N GLU E 167 -5.29 25.72 9.28
CA GLU E 167 -4.62 26.89 8.75
C GLU E 167 -3.17 26.90 9.23
N LEU E 168 -2.98 26.55 10.49
CA LEU E 168 -1.65 26.47 11.10
C LEU E 168 -0.84 25.35 10.46
N ILE E 169 -1.48 24.20 10.27
CA ILE E 169 -0.84 23.03 9.67
C ILE E 169 -0.30 23.33 8.28
N GLU E 170 -1.02 24.15 7.52
CA GLU E 170 -0.61 24.51 6.16
C GLU E 170 0.65 25.35 6.09
N LYS E 171 0.88 26.19 7.09
CA LYS E 171 2.03 27.08 7.09
C LYS E 171 3.33 26.36 7.43
N LEU E 172 3.24 25.19 8.06
CA LEU E 172 4.44 24.45 8.47
C LEU E 172 4.95 23.55 7.35
N ASP F 13 -4.88 -10.77 -7.85
CA ASP F 13 -4.29 -10.55 -6.54
C ASP F 13 -3.07 -11.45 -6.35
N LEU F 14 -2.16 -11.02 -5.47
CA LEU F 14 -0.88 -11.69 -5.26
C LEU F 14 -0.89 -13.08 -4.61
N ASN F 15 -2.05 -13.64 -4.28
CA ASN F 15 -2.08 -14.89 -3.53
C ASN F 15 -1.44 -16.07 -4.26
N GLU F 16 -1.71 -16.23 -5.55
CA GLU F 16 -1.17 -17.35 -6.31
C GLU F 16 0.35 -17.31 -6.45
N TRP F 17 0.91 -16.12 -6.65
CA TRP F 17 2.36 -15.96 -6.76
C TRP F 17 3.06 -16.31 -5.46
N ILE F 18 2.50 -15.83 -4.35
CA ILE F 18 3.04 -16.11 -3.04
C ILE F 18 2.93 -17.60 -2.74
N ALA F 19 1.84 -18.20 -3.20
CA ALA F 19 1.59 -19.63 -2.99
C ALA F 19 2.64 -20.50 -3.65
N VAL F 20 2.84 -20.29 -4.95
CA VAL F 20 3.78 -21.11 -5.71
C VAL F 20 5.21 -20.97 -5.19
N ASN F 21 5.58 -19.76 -4.79
CA ASN F 21 6.91 -19.54 -4.23
C ASN F 21 7.08 -20.24 -2.88
N THR F 22 6.04 -20.21 -2.06
CA THR F 22 6.07 -20.88 -0.77
C THR F 22 6.28 -22.38 -0.96
N VAL F 23 5.60 -22.95 -1.96
CA VAL F 23 5.76 -24.37 -2.29
C VAL F 23 7.15 -24.65 -2.84
N ASP F 24 7.62 -23.77 -3.73
CA ASP F 24 8.90 -23.97 -4.40
C ASP F 24 10.06 -23.97 -3.42
N PHE F 25 10.08 -23.00 -2.51
CA PHE F 25 11.17 -22.90 -1.56
C PHE F 25 11.06 -24.02 -0.53
N PHE F 26 9.83 -24.43 -0.22
CA PHE F 26 9.62 -25.57 0.66
C PHE F 26 10.30 -26.82 0.10
N ASN F 27 10.16 -27.04 -1.20
CA ASN F 27 10.80 -28.17 -1.86
C ASN F 27 12.32 -28.06 -1.82
N GLN F 28 12.84 -26.87 -2.09
CA GLN F 28 14.28 -26.64 -2.11
C GLN F 28 14.93 -26.87 -0.75
N ILE F 29 14.29 -26.42 0.32
CA ILE F 29 14.87 -26.53 1.65
C ILE F 29 15.01 -27.98 2.09
N ASN F 30 13.99 -28.79 1.82
CA ASN F 30 14.05 -30.20 2.18
C ASN F 30 15.13 -30.92 1.38
N MET F 31 15.28 -30.53 0.12
CA MET F 31 16.35 -31.08 -0.71
C MET F 31 17.69 -30.67 -0.11
N LEU F 32 17.83 -29.40 0.24
CA LEU F 32 19.07 -28.88 0.79
C LEU F 32 19.37 -29.51 2.15
N TYR F 33 18.36 -29.56 3.01
CA TYR F 33 18.52 -30.21 4.31
C TYR F 33 18.82 -31.70 4.15
N GLY F 34 18.24 -32.31 3.13
CA GLY F 34 18.45 -33.72 2.85
C GLY F 34 19.90 -34.12 2.63
N THR F 35 20.69 -33.25 2.00
CA THR F 35 22.08 -33.56 1.68
C THR F 35 22.97 -33.62 2.91
N ILE F 36 22.49 -33.08 4.03
CA ILE F 36 23.28 -32.99 5.25
C ILE F 36 22.57 -33.59 6.46
N THR F 37 21.53 -34.37 6.19
CA THR F 37 20.74 -34.99 7.25
C THR F 37 21.61 -35.90 8.11
N GLU F 38 22.64 -36.47 7.48
CA GLU F 38 23.57 -37.37 8.16
C GLU F 38 24.46 -36.62 9.16
N PHE F 39 24.61 -35.31 8.95
CA PHE F 39 25.46 -34.49 9.81
C PHE F 39 24.68 -33.74 10.90
N CYS F 40 23.36 -33.78 10.82
CA CYS F 40 22.49 -33.15 11.82
C CYS F 40 21.83 -34.18 12.74
N THR F 41 22.40 -34.35 13.94
CA THR F 41 21.97 -35.38 14.88
C THR F 41 21.65 -34.80 16.26
N GLU F 42 21.20 -35.65 17.16
CA GLU F 42 20.92 -35.27 18.55
C GLU F 42 22.16 -34.75 19.27
N ALA F 43 23.31 -35.34 18.97
CA ALA F 43 24.55 -34.98 19.64
C ALA F 43 25.16 -33.70 19.08
N SER F 44 25.07 -33.54 17.77
CA SER F 44 25.65 -32.37 17.10
C SER F 44 24.76 -31.16 17.31
N CYS F 45 23.46 -31.38 17.29
CA CYS F 45 22.48 -30.31 17.42
C CYS F 45 21.39 -30.70 18.41
N PRO F 46 21.73 -30.68 19.71
CA PRO F 46 20.76 -31.05 20.76
C PRO F 46 19.54 -30.14 20.73
N VAL F 47 19.69 -28.97 20.11
CA VAL F 47 18.61 -28.00 20.01
C VAL F 47 18.52 -27.32 18.64
N MET F 48 17.35 -26.77 18.34
CA MET F 48 17.18 -25.95 17.15
C MET F 48 17.82 -24.60 17.38
N SER F 49 18.87 -24.31 16.63
CA SER F 49 19.60 -23.07 16.83
C SER F 49 20.21 -22.54 15.55
N ALA F 50 20.57 -21.25 15.59
CA ALA F 50 21.24 -20.58 14.49
C ALA F 50 22.42 -19.79 15.04
N GLY F 51 23.40 -20.53 15.58
CA GLY F 51 24.49 -19.90 16.31
C GLY F 51 24.19 -19.93 17.80
N PRO F 52 25.19 -19.65 18.64
CA PRO F 52 25.01 -19.64 20.10
C PRO F 52 23.92 -18.68 20.52
N ARG F 53 23.78 -17.60 19.74
CA ARG F 53 22.90 -16.49 20.08
C ARG F 53 21.42 -16.74 19.77
N TYR F 54 21.15 -17.78 18.99
CA TYR F 54 19.79 -17.97 18.47
C TYR F 54 19.29 -19.40 18.61
N GLU F 55 18.33 -19.60 19.50
CA GLU F 55 17.71 -20.91 19.66
C GLU F 55 16.21 -20.77 19.38
N TYR F 56 15.60 -21.81 18.83
CA TYR F 56 14.19 -21.79 18.45
C TYR F 56 13.41 -22.93 19.11
N HIS F 57 12.18 -22.64 19.51
CA HIS F 57 11.30 -23.61 20.16
C HIS F 57 10.06 -23.88 19.30
N TRP F 58 9.73 -25.16 19.14
CA TRP F 58 8.62 -25.56 18.25
C TRP F 58 7.23 -25.51 18.87
N ALA F 59 6.24 -25.03 18.11
CA ALA F 59 4.86 -25.04 18.57
C ALA F 59 3.78 -24.93 17.49
N ASP F 60 3.23 -26.07 17.04
CA ASP F 60 2.16 -26.02 16.03
C ASP F 60 0.82 -25.77 16.72
N GLY F 61 -0.03 -24.97 16.11
CA GLY F 61 -1.25 -24.54 16.77
C GLY F 61 -2.21 -25.65 17.15
N THR F 62 -2.23 -26.75 16.39
CA THR F 62 -3.22 -27.80 16.64
C THR F 62 -2.77 -28.85 17.65
N ASN F 63 -1.55 -29.36 17.51
CA ASN F 63 -1.02 -30.35 18.44
C ASN F 63 -0.26 -29.75 19.63
N ILE F 64 0.80 -29.00 19.34
CA ILE F 64 1.71 -28.48 20.38
C ILE F 64 1.72 -26.95 20.53
N LYS F 65 1.25 -26.43 21.66
CA LYS F 65 1.17 -24.98 21.85
C LYS F 65 2.38 -24.49 22.67
N LYS F 66 2.35 -24.53 23.99
CA LYS F 66 3.58 -24.19 24.75
C LYS F 66 4.86 -24.74 24.09
N PRO F 67 5.69 -23.84 23.51
CA PRO F 67 6.87 -24.24 22.72
C PRO F 67 7.82 -25.24 23.39
N ILE F 68 8.21 -26.24 22.62
CA ILE F 68 9.10 -27.31 23.08
C ILE F 68 10.54 -26.97 22.69
N LYS F 69 11.45 -27.09 23.64
CA LYS F 69 12.86 -26.94 23.32
C LYS F 69 13.29 -28.35 22.91
N CYS F 70 13.61 -28.52 21.63
CA CYS F 70 13.95 -29.82 21.07
C CYS F 70 15.12 -29.72 20.12
N SER F 71 15.60 -30.86 19.64
CA SER F 71 16.75 -30.89 18.75
C SER F 71 16.41 -30.37 17.37
N ALA F 72 17.43 -30.02 16.61
CA ALA F 72 17.20 -29.45 15.28
C ALA F 72 16.51 -30.41 14.32
N PRO F 73 16.96 -31.67 14.25
CA PRO F 73 16.29 -32.65 13.38
C PRO F 73 14.78 -32.79 13.63
N LYS F 74 14.38 -32.80 14.90
CA LYS F 74 12.97 -32.99 15.25
C LYS F 74 12.09 -31.78 15.00
N TYR F 75 12.61 -30.60 15.33
CA TYR F 75 11.93 -29.32 15.08
C TYR F 75 11.61 -29.23 13.58
N ILE F 76 12.62 -29.50 12.78
CA ILE F 76 12.48 -29.50 11.33
C ILE F 76 11.48 -30.58 10.95
N ASP F 77 11.49 -31.68 11.69
CA ASP F 77 10.53 -32.75 11.43
C ASP F 77 9.14 -32.23 11.74
N TYR F 78 8.99 -31.64 12.92
CA TYR F 78 7.75 -30.99 13.32
C TYR F 78 7.37 -29.93 12.29
N LEU F 79 8.36 -29.15 11.89
CA LEU F 79 8.19 -28.05 10.96
C LEU F 79 7.69 -28.49 9.57
N MET F 80 8.43 -29.40 8.93
CA MET F 80 8.14 -29.76 7.55
C MET F 80 6.79 -30.45 7.36
N THR F 81 6.37 -31.29 8.30
CA THR F 81 5.06 -31.91 8.21
C THR F 81 3.99 -30.84 8.43
N TRP F 82 4.27 -29.94 9.37
CA TRP F 82 3.36 -28.85 9.70
C TRP F 82 3.11 -27.97 8.48
N VAL F 83 4.17 -27.54 7.81
CA VAL F 83 4.03 -26.74 6.60
C VAL F 83 3.29 -27.54 5.54
N GLN F 84 3.73 -28.79 5.33
CA GLN F 84 3.16 -29.65 4.31
C GLN F 84 1.68 -29.93 4.55
N ASP F 85 1.30 -30.05 5.82
CA ASP F 85 -0.10 -30.26 6.16
C ASP F 85 -0.94 -29.10 5.66
N GLN F 86 -0.37 -27.91 5.70
CA GLN F 86 -1.05 -26.72 5.21
C GLN F 86 -1.11 -26.73 3.68
N LEU F 87 -0.02 -27.16 3.05
CA LEU F 87 0.03 -27.24 1.59
C LEU F 87 -1.00 -28.24 1.06
N ASP F 88 -1.22 -29.32 1.81
CA ASP F 88 -2.19 -30.33 1.43
C ASP F 88 -3.58 -29.95 1.94
N ASP F 89 -3.66 -28.81 2.61
CA ASP F 89 -4.93 -28.30 3.12
C ASP F 89 -5.56 -27.49 2.01
N GLU F 90 -6.53 -28.10 1.35
CA GLU F 90 -7.19 -27.50 0.21
C GLU F 90 -7.86 -26.17 0.58
N THR F 91 -8.26 -26.05 1.84
CA THR F 91 -8.95 -24.86 2.33
C THR F 91 -7.99 -23.69 2.50
N LEU F 92 -6.69 -23.99 2.61
CA LEU F 92 -5.67 -22.96 2.74
C LEU F 92 -5.00 -22.67 1.40
N PHE F 93 -4.63 -23.73 0.70
CA PHE F 93 -3.98 -23.63 -0.61
C PHE F 93 -4.82 -24.31 -1.69
N PRO F 94 -5.80 -23.58 -2.26
CA PRO F 94 -6.72 -24.09 -3.29
C PRO F 94 -6.06 -24.78 -4.49
N SER F 95 -6.54 -25.98 -4.80
CA SER F 95 -6.12 -26.73 -5.99
C SER F 95 -7.08 -26.39 -7.13
N LYS F 96 -8.14 -25.65 -6.79
CA LYS F 96 -9.13 -25.22 -7.76
C LYS F 96 -9.30 -23.70 -7.66
N ILE F 97 -9.49 -23.05 -8.81
CA ILE F 97 -9.73 -21.61 -8.84
C ILE F 97 -11.05 -21.25 -8.17
N GLY F 98 -11.97 -22.21 -8.11
CA GLY F 98 -13.28 -21.96 -7.55
C GLY F 98 -13.30 -21.99 -6.03
N VAL F 99 -12.13 -22.25 -5.43
CA VAL F 99 -11.97 -22.20 -3.99
C VAL F 99 -11.07 -21.01 -3.68
N PRO F 100 -11.59 -20.02 -2.94
CA PRO F 100 -10.77 -18.84 -2.70
C PRO F 100 -9.68 -19.09 -1.65
N PHE F 101 -8.67 -18.22 -1.62
CA PHE F 101 -7.67 -18.30 -0.58
C PHE F 101 -8.35 -17.80 0.68
N PRO F 102 -8.00 -18.38 1.84
CA PRO F 102 -8.66 -17.85 3.03
C PRO F 102 -8.24 -16.41 3.29
N LYS F 103 -9.04 -15.69 4.06
CA LYS F 103 -8.80 -14.28 4.28
C LYS F 103 -7.51 -14.08 5.06
N ASN F 104 -7.19 -15.04 5.92
CA ASN F 104 -5.98 -14.98 6.74
C ASN F 104 -4.79 -15.63 6.04
N PHE F 105 -4.93 -15.92 4.75
CA PHE F 105 -3.91 -16.64 3.99
C PHE F 105 -2.52 -16.02 4.10
N MET F 106 -2.45 -14.73 3.82
CA MET F 106 -1.19 -13.98 3.85
C MET F 106 -0.47 -14.20 5.17
N SER F 107 -1.21 -14.10 6.27
CA SER F 107 -0.67 -14.34 7.60
C SER F 107 -0.10 -15.75 7.74
N VAL F 108 -0.80 -16.73 7.18
CA VAL F 108 -0.35 -18.13 7.24
C VAL F 108 0.96 -18.31 6.48
N ALA F 109 1.03 -17.72 5.30
CA ALA F 109 2.23 -17.83 4.47
C ALA F 109 3.46 -17.26 5.20
N LYS F 110 3.29 -16.12 5.86
CA LYS F 110 4.40 -15.48 6.58
C LYS F 110 4.96 -16.36 7.68
N THR F 111 4.08 -17.03 8.42
CA THR F 111 4.52 -17.91 9.51
C THR F 111 5.30 -19.10 8.95
N ILE F 112 4.82 -19.63 7.83
CA ILE F 112 5.50 -20.73 7.15
C ILE F 112 6.89 -20.27 6.72
N LEU F 113 6.95 -19.14 6.02
CA LEU F 113 8.21 -18.61 5.51
C LEU F 113 9.16 -18.24 6.66
N LYS F 114 8.59 -17.70 7.74
CA LYS F 114 9.35 -17.34 8.93
C LYS F 114 10.09 -18.52 9.53
N ARG F 115 9.41 -19.67 9.58
CA ARG F 115 9.97 -20.86 10.18
C ARG F 115 10.89 -21.60 9.21
N LEU F 116 10.57 -21.53 7.92
CA LEU F 116 11.45 -22.10 6.90
C LEU F 116 12.82 -21.43 6.88
N PHE F 117 12.85 -20.13 7.16
CA PHE F 117 14.09 -19.37 7.24
C PHE F 117 15.08 -19.96 8.24
N ARG F 118 14.54 -20.46 9.35
CA ARG F 118 15.36 -20.98 10.43
C ARG F 118 16.16 -22.18 9.99
N VAL F 119 15.68 -22.89 8.97
CA VAL F 119 16.39 -24.03 8.42
C VAL F 119 17.65 -23.57 7.69
N TYR F 120 17.55 -22.49 6.91
CA TYR F 120 18.73 -21.91 6.28
C TYR F 120 19.79 -21.53 7.30
N ALA F 121 19.36 -20.83 8.35
CA ALA F 121 20.27 -20.30 9.35
C ALA F 121 21.02 -21.42 10.07
N HIS F 122 20.32 -22.49 10.41
CA HIS F 122 20.95 -23.62 11.11
C HIS F 122 21.97 -24.28 10.19
N ILE F 123 21.61 -24.48 8.93
CA ILE F 123 22.50 -25.10 7.96
C ILE F 123 23.75 -24.23 7.80
N TYR F 124 23.54 -22.93 7.64
CA TYR F 124 24.66 -21.98 7.52
C TYR F 124 25.55 -21.94 8.77
N HIS F 125 24.93 -21.90 9.95
CA HIS F 125 25.69 -21.71 11.18
C HIS F 125 26.45 -22.95 11.65
N GLN F 126 25.82 -24.12 11.58
CA GLN F 126 26.38 -25.34 12.18
C GLN F 126 26.91 -26.37 11.20
N HIS F 127 26.48 -26.32 9.93
CA HIS F 127 26.78 -27.39 8.98
C HIS F 127 27.30 -26.89 7.65
N PHE F 128 27.86 -25.68 7.63
CA PHE F 128 28.39 -25.13 6.39
C PHE F 128 29.63 -25.92 5.99
N ASP F 129 30.31 -26.50 6.97
CA ASP F 129 31.50 -27.30 6.72
C ASP F 129 31.16 -28.50 5.84
N SER F 130 30.08 -29.18 6.19
CA SER F 130 29.63 -30.35 5.44
C SER F 130 29.13 -29.96 4.04
N VAL F 131 28.52 -28.79 3.95
CA VAL F 131 28.05 -28.28 2.66
C VAL F 131 29.23 -28.06 1.73
N MET F 132 30.28 -27.42 2.24
CA MET F 132 31.46 -27.15 1.43
C MET F 132 32.10 -28.44 0.96
N GLN F 133 32.20 -29.43 1.84
CA GLN F 133 32.81 -30.72 1.48
C GLN F 133 32.10 -31.32 0.28
N LEU F 134 30.78 -31.15 0.25
CA LEU F 134 29.96 -31.68 -0.82
C LEU F 134 29.98 -30.76 -2.04
N GLN F 135 30.63 -29.61 -1.91
CA GLN F 135 30.68 -28.63 -2.98
C GLN F 135 29.26 -28.27 -3.40
N GLU F 136 28.42 -28.00 -2.39
CA GLU F 136 27.01 -27.68 -2.60
C GLU F 136 26.65 -26.26 -2.17
N GLU F 137 27.67 -25.41 -2.00
CA GLU F 137 27.45 -24.05 -1.52
C GLU F 137 26.64 -23.17 -2.48
N ALA F 138 26.88 -23.32 -3.78
CA ALA F 138 26.19 -22.50 -4.78
C ALA F 138 24.67 -22.75 -4.72
N HIS F 139 24.28 -24.00 -4.52
CA HIS F 139 22.88 -24.36 -4.48
C HIS F 139 22.20 -23.72 -3.27
N LEU F 140 22.88 -23.78 -2.13
CA LEU F 140 22.39 -23.16 -0.92
C LEU F 140 22.32 -21.64 -1.08
N ASN F 141 23.39 -21.06 -1.61
CA ASN F 141 23.46 -19.62 -1.80
C ASN F 141 22.42 -19.13 -2.80
N THR F 142 22.26 -19.89 -3.88
CA THR F 142 21.29 -19.53 -4.91
C THR F 142 19.88 -19.60 -4.35
N SER F 143 19.60 -20.70 -3.65
CA SER F 143 18.30 -20.88 -3.02
C SER F 143 18.05 -19.79 -1.99
N PHE F 144 19.06 -19.50 -1.18
CA PHE F 144 18.94 -18.49 -0.13
C PHE F 144 18.72 -17.10 -0.72
N LYS F 145 19.51 -16.74 -1.73
CA LYS F 145 19.39 -15.43 -2.37
C LYS F 145 17.99 -15.23 -2.93
N HIS F 146 17.52 -16.21 -3.68
CA HIS F 146 16.18 -16.17 -4.25
C HIS F 146 15.12 -16.08 -3.15
N PHE F 147 15.32 -16.85 -2.08
CA PHE F 147 14.39 -16.84 -0.96
C PHE F 147 14.33 -15.46 -0.31
N ILE F 148 15.49 -14.88 -0.04
CA ILE F 148 15.55 -13.59 0.65
C ILE F 148 14.94 -12.51 -0.26
N PHE F 149 15.23 -12.56 -1.55
CA PHE F 149 14.65 -11.60 -2.48
C PHE F 149 13.13 -11.71 -2.46
N PHE F 150 12.63 -12.93 -2.33
CA PHE F 150 11.20 -13.15 -2.33
C PHE F 150 10.54 -12.56 -1.09
N VAL F 151 11.07 -12.87 0.09
CA VAL F 151 10.45 -12.40 1.33
C VAL F 151 10.63 -10.90 1.56
N GLN F 152 11.75 -10.34 1.11
CA GLN F 152 11.98 -8.90 1.28
C GLN F 152 11.06 -8.05 0.41
N GLU F 153 10.83 -8.50 -0.82
CA GLU F 153 10.02 -7.73 -1.77
C GLU F 153 8.58 -7.59 -1.26
N PHE F 154 8.15 -8.56 -0.47
CA PHE F 154 6.77 -8.61 0.02
C PHE F 154 6.68 -8.52 1.55
N ASN F 155 7.81 -8.23 2.20
CA ASN F 155 7.88 -8.12 3.67
C ASN F 155 7.15 -9.25 4.38
N LEU F 156 7.57 -10.47 4.09
CA LEU F 156 6.92 -11.66 4.63
C LEU F 156 7.53 -12.10 5.96
N ILE F 157 8.66 -11.49 6.32
CA ILE F 157 9.33 -11.77 7.60
C ILE F 157 9.83 -10.48 8.24
N ASP F 158 9.60 -10.36 9.55
CA ASP F 158 10.00 -9.15 10.29
C ASP F 158 11.51 -9.11 10.41
N ARG F 159 12.09 -7.90 10.41
CA ARG F 159 13.54 -7.74 10.41
C ARG F 159 14.24 -8.48 11.53
N ARG F 160 13.60 -8.49 12.70
CA ARG F 160 14.15 -9.12 13.88
C ARG F 160 14.31 -10.62 13.69
N GLU F 161 13.37 -11.21 12.97
CA GLU F 161 13.39 -12.63 12.70
C GLU F 161 14.58 -12.98 11.81
N LEU F 162 14.99 -12.02 10.99
CA LEU F 162 16.08 -12.22 10.02
C LEU F 162 17.46 -11.98 10.61
N ALA F 163 17.50 -11.60 11.89
CA ALA F 163 18.74 -11.24 12.58
C ALA F 163 19.93 -12.19 12.38
N PRO F 164 19.71 -13.52 12.47
CA PRO F 164 20.84 -14.45 12.46
C PRO F 164 21.71 -14.44 11.21
N LEU F 165 21.24 -13.87 10.10
CA LEU F 165 21.99 -13.88 8.84
C LEU F 165 22.09 -12.50 8.19
N GLN F 166 22.00 -11.44 8.99
CA GLN F 166 21.91 -10.08 8.47
C GLN F 166 23.11 -9.66 7.62
N GLU F 167 24.32 -10.00 8.05
CA GLU F 167 25.53 -9.61 7.32
C GLU F 167 25.59 -10.27 5.96
N LEU F 168 25.19 -11.54 5.89
CA LEU F 168 25.16 -12.28 4.65
C LEU F 168 24.16 -11.64 3.69
N ILE F 169 22.98 -11.32 4.23
CA ILE F 169 21.90 -10.71 3.47
C ILE F 169 22.34 -9.40 2.81
N GLU F 170 23.16 -8.63 3.54
CA GLU F 170 23.63 -7.33 3.05
C GLU F 170 24.56 -7.45 1.85
N LYS F 171 25.33 -8.52 1.80
CA LYS F 171 26.31 -8.73 0.74
C LYS F 171 25.64 -9.11 -0.57
N LEU F 172 24.38 -9.52 -0.48
CA LEU F 172 23.62 -9.96 -1.65
C LEU F 172 22.95 -8.77 -2.34
N GLY G 7 10.31 -33.10 -37.06
CA GLY G 7 10.85 -32.40 -35.92
C GLY G 7 9.76 -31.66 -35.14
N TPO G 8 9.96 -31.55 -33.83
CA TPO G 8 8.98 -30.90 -32.96
CB TPO G 8 9.15 -31.38 -31.53
CG2 TPO G 8 8.42 -32.72 -31.40
OG1 TPO G 8 10.53 -31.58 -31.31
P TPO G 8 10.86 -31.79 -29.75
O1P TPO G 8 9.68 -31.58 -28.87
O2P TPO G 8 11.39 -33.30 -29.54
O3P TPO G 8 12.02 -30.77 -29.35
C TPO G 8 9.10 -29.39 -33.05
O TPO G 8 8.29 -28.66 -32.50
H TPO G 8 10.64 -31.85 -33.41
HA TPO G 8 8.08 -31.14 -33.26
HB TPO G 8 8.74 -30.65 -30.84
HG21 TPO G 8 8.52 -33.09 -30.38
HG22 TPO G 8 8.84 -33.44 -32.09
HG23 TPO G 8 7.35 -32.58 -31.63
N MET G 9 10.29 -28.87 -33.44
CA MET G 9 10.57 -27.39 -33.55
C MET G 9 10.84 -26.92 -34.98
N LYS G 10 10.06 -25.93 -35.42
CA LYS G 10 10.03 -25.49 -36.80
C LYS G 10 10.41 -24.02 -36.93
N ARG G 11 11.42 -23.74 -37.75
CA ARG G 11 11.86 -22.37 -38.01
C ARG G 11 11.29 -21.88 -39.33
N ASN G 12 10.47 -20.83 -39.26
CA ASN G 12 9.86 -20.25 -40.45
C ASN G 12 10.72 -19.16 -41.06
N ALA G 13 10.28 -18.64 -42.20
CA ALA G 13 10.93 -17.53 -42.86
C ALA G 13 9.93 -16.39 -42.96
N THR G 14 10.03 -15.44 -42.03
CA THR G 14 9.00 -14.44 -41.83
C THR G 14 8.93 -13.38 -42.93
N SER G 15 7.74 -12.82 -43.10
CA SER G 15 7.56 -11.62 -43.92
C SER G 15 8.46 -10.51 -43.38
N PRO G 16 9.02 -9.68 -44.27
CA PRO G 16 9.80 -8.55 -43.77
C PRO G 16 8.91 -7.44 -43.20
N GLN G 17 7.59 -7.62 -43.26
CA GLN G 17 6.65 -6.70 -42.63
C GLN G 17 6.50 -6.99 -41.14
N VAL G 18 7.01 -8.13 -40.70
CA VAL G 18 6.99 -8.51 -39.30
C VAL G 18 7.74 -7.48 -38.46
N GLN G 19 7.30 -7.29 -37.23
CA GLN G 19 7.85 -6.25 -36.36
C GLN G 19 8.38 -6.81 -35.05
N ARG G 20 9.24 -6.05 -34.40
CA ARG G 20 9.80 -6.42 -33.11
C ARG G 20 8.69 -6.72 -32.11
N PRO G 21 8.81 -7.83 -31.36
CA PRO G 21 7.73 -8.15 -30.40
C PRO G 21 7.52 -7.08 -29.34
N SER G 22 6.29 -6.98 -28.86
CA SER G 22 5.87 -5.96 -27.91
C SER G 22 6.70 -5.95 -26.63
N PHE G 23 7.09 -7.13 -26.16
CA PHE G 23 7.72 -7.25 -24.85
C PHE G 23 9.20 -6.84 -24.86
N MET G 24 9.74 -6.56 -26.04
CA MET G 24 11.14 -6.15 -26.13
C MET G 24 11.29 -4.66 -25.87
N ASP G 25 10.30 -3.87 -26.25
CA ASP G 25 10.34 -2.44 -25.97
C ASP G 25 9.94 -2.17 -24.51
N TYR G 26 9.52 -3.23 -23.81
CA TYR G 26 9.35 -3.17 -22.37
C TYR G 26 10.73 -3.14 -21.73
N PHE G 27 11.66 -3.90 -22.31
CA PHE G 27 13.04 -3.93 -21.85
C PHE G 27 13.86 -2.82 -22.51
N ASP G 28 13.17 -1.78 -22.97
CA ASP G 28 13.82 -0.57 -23.49
C ASP G 28 13.52 0.62 -22.59
N GLY H 7 -23.09 42.53 -14.91
CA GLY H 7 -22.82 41.14 -15.21
C GLY H 7 -22.54 40.32 -13.97
N TPO H 8 -22.73 39.00 -14.06
CA TPO H 8 -22.48 38.09 -12.95
CB TPO H 8 -23.30 36.83 -13.11
CG2 TPO H 8 -24.74 37.16 -12.74
OG1 TPO H 8 -23.22 36.40 -14.48
P TPO H 8 -23.99 35.00 -14.70
O1P TPO H 8 -24.09 34.21 -13.45
O2P TPO H 8 -25.48 35.31 -15.23
O3P TPO H 8 -23.20 34.14 -15.82
C TPO H 8 -21.00 37.77 -12.85
O TPO H 8 -20.55 37.12 -11.89
H TPO H 8 -23.01 38.61 -14.77
HA TPO H 8 -22.75 38.53 -12.11
HB TPO H 8 -22.92 36.05 -12.46
HG21 TPO H 8 -25.37 36.27 -12.85
HG22 TPO H 8 -25.12 37.95 -13.40
HG23 TPO H 8 -24.79 37.51 -11.71
N MET H 9 -20.15 38.15 -13.84
CA MET H 9 -18.69 37.80 -13.85
C MET H 9 -17.85 39.05 -14.13
N LYS H 10 -16.92 39.34 -13.22
CA LYS H 10 -16.22 40.62 -13.20
C LYS H 10 -14.73 40.46 -13.43
N ARG H 11 -14.15 41.41 -14.17
CA ARG H 11 -12.70 41.44 -14.40
C ARG H 11 -12.11 42.71 -13.80
N ASN H 12 -10.97 42.55 -13.13
CA ASN H 12 -10.36 43.63 -12.35
C ASN H 12 -9.06 44.14 -12.97
N GLN H 19 1.37 38.67 -10.15
CA GLN H 19 1.81 37.59 -9.29
C GLN H 19 1.03 36.31 -9.57
N ARG H 20 1.73 35.31 -10.11
CA ARG H 20 1.12 34.08 -10.61
C ARG H 20 0.32 33.32 -9.53
N PRO H 21 -0.78 32.64 -9.95
CA PRO H 21 -1.48 31.74 -9.02
C PRO H 21 -0.56 30.65 -8.47
N SER H 22 -0.72 30.29 -7.20
CA SER H 22 0.24 29.44 -6.51
C SER H 22 -0.03 27.94 -6.68
N PHE H 23 -1.22 27.59 -7.14
CA PHE H 23 -1.56 26.18 -7.32
C PHE H 23 -0.91 25.64 -8.59
N MET H 24 -0.60 26.55 -9.51
CA MET H 24 0.05 26.16 -10.76
C MET H 24 1.45 25.62 -10.50
N ASP H 25 2.05 26.05 -9.39
CA ASP H 25 3.39 25.61 -9.03
C ASP H 25 3.41 24.10 -8.76
N TYR H 26 2.29 23.58 -8.26
CA TYR H 26 2.16 22.15 -8.01
C TYR H 26 2.32 21.35 -9.29
N PHE H 27 1.87 21.93 -10.40
CA PHE H 27 1.87 21.23 -11.69
C PHE H 27 3.20 21.37 -12.42
N ASP H 28 3.93 22.43 -12.13
CA ASP H 28 5.26 22.59 -12.68
C ASP H 28 6.23 21.63 -11.99
N LYS H 29 6.48 20.49 -12.62
CA LYS H 29 7.33 19.45 -12.06
C LYS H 29 8.41 19.05 -13.05
N TPO I 8 -22.37 -17.69 -8.52
CA TPO I 8 -22.67 -16.26 -8.81
CB TPO I 8 -22.15 -15.35 -7.66
CG2 TPO I 8 -20.82 -15.89 -7.10
OG1 TPO I 8 -22.02 -14.01 -8.16
P TPO I 8 -21.71 -12.96 -6.98
O1P TPO I 8 -20.26 -12.63 -6.98
O2P TPO I 8 -22.55 -11.61 -7.27
O3P TPO I 8 -22.11 -13.53 -5.52
C TPO I 8 -22.12 -15.83 -10.15
O TPO I 8 -22.88 -15.53 -11.07
H TPO I 8 -21.55 -17.89 -8.83
HA TPO I 8 -23.65 -16.16 -8.84
HB TPO I 8 -22.89 -15.35 -6.85
HG21 TPO I 8 -20.47 -15.24 -6.30
HG22 TPO I 8 -20.07 -15.92 -7.90
HG23 TPO I 8 -20.96 -16.90 -6.71
N MET I 9 -20.82 -16.15 -10.40
CA MET I 9 -20.19 -16.07 -11.75
C MET I 9 -19.75 -17.48 -12.12
N LYS I 10 -19.97 -17.87 -13.37
CA LYS I 10 -19.63 -19.23 -13.82
C LYS I 10 -19.43 -19.33 -15.32
N ARG I 11 -18.70 -20.37 -15.71
CA ARG I 11 -18.41 -20.66 -17.11
C ARG I 11 -19.68 -21.13 -17.82
N PRO I 21 -15.32 -11.51 -29.33
CA PRO I 21 -14.33 -11.06 -30.31
C PRO I 21 -14.96 -10.28 -31.47
N SER I 22 -16.12 -9.70 -31.23
CA SER I 22 -16.86 -8.98 -32.28
C SER I 22 -16.79 -7.47 -32.11
N PHE I 23 -17.11 -6.99 -30.91
CA PHE I 23 -17.06 -5.57 -30.60
C PHE I 23 -15.61 -5.07 -30.59
N MET I 24 -14.67 -5.99 -30.42
CA MET I 24 -13.25 -5.63 -30.31
C MET I 24 -12.67 -5.11 -31.62
N ASP I 25 -13.40 -5.25 -32.72
CA ASP I 25 -12.93 -4.73 -34.00
C ASP I 25 -12.90 -3.20 -34.04
N TYR I 26 -13.76 -2.56 -33.25
CA TYR I 26 -13.84 -1.10 -33.23
C TYR I 26 -12.55 -0.46 -32.73
N PHE I 27 -11.81 -1.19 -31.90
CA PHE I 27 -10.60 -0.68 -31.25
C PHE I 27 -9.32 -1.22 -31.88
N ASP I 28 -9.29 -1.32 -33.21
CA ASP I 28 -8.16 -1.85 -33.95
C ASP I 28 -8.04 -1.11 -35.27
N TPO J 8 38.61 13.07 26.82
CA TPO J 8 38.07 11.72 26.46
CB TPO J 8 37.03 11.27 27.49
CG2 TPO J 8 37.80 10.55 28.60
OG1 TPO J 8 36.37 12.39 28.09
P TPO J 8 34.79 12.51 27.72
O1P TPO J 8 34.21 11.25 27.21
O2P TPO J 8 33.95 12.94 29.02
O3P TPO J 8 34.61 13.68 26.62
C TPO J 8 37.49 11.73 25.05
O TPO J 8 36.85 10.78 24.60
H TPO J 8 38.03 13.69 26.55
HA TPO J 8 38.80 11.08 26.47
HB TPO J 8 36.31 10.60 27.03
HG21 TPO J 8 37.10 10.22 29.36
HG22 TPO J 8 38.52 11.24 29.04
HG23 TPO J 8 38.33 9.70 28.19
N MET J 9 37.83 12.75 24.25
CA MET J 9 37.78 12.70 22.75
C MET J 9 39.13 13.17 22.22
N LYS J 10 39.64 12.55 21.17
CA LYS J 10 40.90 13.01 20.59
C LYS J 10 41.02 12.68 19.11
N ARG J 11 41.39 13.71 18.35
CA ARG J 11 41.57 13.66 16.90
C ARG J 11 42.88 12.99 16.50
N ASN J 12 43.08 12.82 15.20
CA ASN J 12 44.36 12.38 14.64
C ASN J 12 44.86 13.38 13.60
N PRO J 21 34.38 9.36 4.55
CA PRO J 21 33.10 9.61 3.88
C PRO J 21 32.49 8.32 3.31
N SER J 22 31.93 7.48 4.18
CA SER J 22 31.36 6.21 3.75
C SER J 22 29.83 6.18 3.78
N PHE J 23 29.20 7.31 4.12
CA PHE J 23 27.75 7.39 4.15
C PHE J 23 27.15 8.65 3.52
N MET J 24 27.95 9.70 3.42
CA MET J 24 27.46 10.98 2.91
C MET J 24 27.12 11.01 1.43
N ASP J 25 27.44 9.95 0.70
CA ASP J 25 27.06 9.84 -0.70
C ASP J 25 25.54 9.78 -0.81
N TYR J 26 24.91 9.34 0.28
CA TYR J 26 23.45 9.23 0.36
C TYR J 26 22.74 10.58 0.23
N PHE J 27 23.45 11.67 0.57
CA PHE J 27 22.82 12.99 0.65
C PHE J 27 23.09 13.89 -0.55
N ASP J 28 23.15 13.27 -1.74
CA ASP J 28 23.37 13.98 -3.01
C ASP J 28 23.75 12.97 -4.09
N TPO K 8 -17.71 11.69 20.74
CA TPO K 8 -16.59 12.24 21.54
CB TPO K 8 -15.52 11.18 21.78
CG2 TPO K 8 -16.16 9.86 22.24
OG1 TPO K 8 -14.79 10.97 20.57
P TPO K 8 -13.34 10.31 20.83
O1P TPO K 8 -12.76 10.67 22.14
O2P TPO K 8 -13.47 8.72 20.72
O3P TPO K 8 -12.32 10.76 19.67
C TPO K 8 -15.96 13.45 20.88
O TPO K 8 -15.24 14.19 21.54
H TPO K 8 -18.18 11.11 21.24
HA TPO K 8 -16.94 12.52 22.41
HB TPO K 8 -14.84 11.52 22.55
HG21 TPO K 8 -15.39 9.12 22.41
HG22 TPO K 8 -16.85 9.51 21.48
HG23 TPO K 8 -16.70 10.04 23.18
N MET K 9 -16.45 13.87 19.69
CA MET K 9 -15.98 15.15 19.06
C MET K 9 -17.06 15.95 18.35
N LYS K 10 -17.14 17.23 18.70
CA LYS K 10 -17.95 18.21 17.99
C LYS K 10 -17.63 19.59 18.52
N PRO K 21 -8.60 31.63 18.25
CA PRO K 21 -8.95 32.80 17.44
C PRO K 21 -7.76 33.40 16.71
N SER K 22 -7.11 34.42 17.30
CA SER K 22 -6.01 35.12 16.64
C SER K 22 -4.63 34.80 17.21
N PHE K 23 -4.20 33.55 17.11
CA PHE K 23 -2.85 33.16 17.50
C PHE K 23 -2.01 33.07 16.23
N MET K 24 -2.71 32.93 15.10
CA MET K 24 -2.08 32.78 13.80
C MET K 24 -1.43 34.07 13.29
N ASP K 25 -1.67 35.18 13.98
CA ASP K 25 -1.01 36.44 13.64
C ASP K 25 0.49 36.36 13.91
N TYR K 26 0.88 35.44 14.77
CA TYR K 26 2.27 35.24 15.12
C TYR K 26 3.12 34.87 13.89
N PHE K 27 2.47 34.36 12.85
CA PHE K 27 3.16 33.82 11.69
C PHE K 27 3.18 34.79 10.53
N ASP K 28 3.36 36.08 10.84
CA ASP K 28 3.38 37.13 9.83
C ASP K 28 4.56 38.07 10.09
N TPO L 8 8.62 -19.42 21.03
CA TPO L 8 8.81 -19.37 19.56
CB TPO L 8 7.96 -18.26 18.96
CG2 TPO L 8 8.31 -16.89 19.56
OG1 TPO L 8 8.19 -18.18 17.55
P TPO L 8 7.23 -19.16 16.71
O1P TPO L 8 6.13 -19.76 17.51
O2P TPO L 8 6.58 -18.31 15.51
O3P TPO L 8 8.10 -20.37 16.07
C TPO L 8 10.28 -19.16 19.23
O TPO L 8 10.77 -19.59 18.19
H TPO L 8 7.81 -19.13 21.25
HA TPO L 8 8.53 -20.22 19.16
HB TPO L 8 6.90 -18.46 19.14
HG21 TPO L 8 7.69 -16.12 19.12
HG22 TPO L 8 9.36 -16.67 19.37
HG23 TPO L 8 8.14 -16.92 20.65
N MET L 9 10.99 -18.35 20.02
CA MET L 9 12.33 -17.76 19.65
C MET L 9 12.84 -16.96 20.84
N LYS L 10 14.11 -17.13 21.19
CA LYS L 10 14.68 -16.37 22.29
C LYS L 10 16.18 -16.25 22.17
N ARG L 11 16.62 -15.02 22.29
CA ARG L 11 18.02 -14.62 22.20
C ARG L 11 18.83 -14.87 23.47
N ASN L 12 20.12 -14.57 23.39
CA ASN L 12 21.01 -14.59 24.55
C ASN L 12 21.68 -13.23 24.74
N PRO L 21 30.57 -17.44 13.30
CA PRO L 21 30.35 -17.22 11.86
C PRO L 21 31.58 -17.58 11.03
N SER L 22 31.61 -18.81 10.54
CA SER L 22 32.75 -19.32 9.78
C SER L 22 32.42 -19.41 8.30
N PHE L 23 31.21 -19.02 7.92
CA PHE L 23 30.82 -19.02 6.51
C PHE L 23 30.89 -17.62 5.90
N MET L 24 30.78 -16.59 6.73
CA MET L 24 30.81 -15.22 6.21
C MET L 24 32.20 -14.85 5.74
N ASP L 25 33.20 -15.65 6.11
CA ASP L 25 34.55 -15.45 5.62
C ASP L 25 34.63 -15.78 4.13
N TYR L 26 33.75 -16.69 3.70
CA TYR L 26 33.69 -17.11 2.31
C TYR L 26 33.29 -15.97 1.39
N PHE L 27 32.59 -14.99 1.96
CA PHE L 27 32.01 -13.90 1.19
C PHE L 27 32.83 -12.61 1.34
N LYS M 10 13.33 -37.59 11.78
CA LYS M 10 14.12 -38.78 12.08
C LYS M 10 14.85 -39.24 10.83
N ARG M 11 14.15 -39.89 9.92
CA ARG M 11 14.66 -40.17 8.59
C ARG M 11 13.58 -39.83 7.58
N ASN M 12 13.02 -38.64 7.75
CA ASN M 12 12.07 -38.07 6.81
C ASN M 12 12.78 -36.97 6.02
N ALA M 13 14.10 -37.09 5.91
CA ALA M 13 14.91 -36.14 5.16
C ALA M 13 14.86 -36.48 3.68
N THR M 14 13.66 -36.42 3.11
CA THR M 14 13.44 -36.70 1.70
C THR M 14 13.20 -35.39 0.98
N SER M 15 13.25 -35.42 -0.35
CA SER M 15 12.81 -34.30 -1.17
C SER M 15 11.40 -34.61 -1.69
N PRO M 16 10.36 -34.05 -1.04
CA PRO M 16 8.99 -34.36 -1.44
C PRO M 16 8.70 -34.05 -2.90
N GLN M 17 9.32 -32.99 -3.42
CA GLN M 17 9.06 -32.53 -4.77
C GLN M 17 7.56 -32.26 -4.94
N VAL M 18 7.02 -31.44 -4.05
CA VAL M 18 5.60 -31.11 -4.03
C VAL M 18 5.21 -30.40 -5.31
N GLN M 19 4.21 -30.94 -6.00
CA GLN M 19 3.66 -30.32 -7.20
C GLN M 19 2.39 -29.56 -6.86
N ARG M 20 2.23 -28.41 -7.50
CA ARG M 20 0.94 -27.73 -7.54
C ARG M 20 0.22 -28.30 -8.76
N PRO M 21 -1.12 -28.33 -8.76
CA PRO M 21 -1.73 -28.93 -9.95
C PRO M 21 -1.44 -28.13 -11.21
N SER M 22 -1.60 -28.76 -12.37
CA SER M 22 -1.38 -28.09 -13.63
C SER M 22 -2.44 -27.01 -13.84
N PHE M 23 -2.31 -26.23 -14.91
CA PHE M 23 -3.26 -25.16 -15.16
C PHE M 23 -4.64 -25.74 -15.49
N MET M 24 -4.64 -26.82 -16.27
CA MET M 24 -5.82 -27.68 -16.32
C MET M 24 -5.79 -28.47 -15.01
N ASP M 25 -6.97 -28.78 -14.48
CA ASP M 25 -7.14 -29.18 -13.07
C ASP M 25 -6.96 -27.95 -12.18
N TYR M 26 -7.55 -26.83 -12.60
CA TYR M 26 -7.53 -25.61 -11.79
C TYR M 26 -8.56 -24.62 -12.32
N SER N 15 -32.63 4.90 -15.00
CA SER N 15 -32.79 6.33 -15.21
C SER N 15 -32.93 7.16 -13.92
N PRO N 16 -32.35 6.69 -12.80
CA PRO N 16 -32.59 7.42 -11.56
C PRO N 16 -31.98 8.81 -11.48
N GLN N 17 -30.72 8.97 -11.91
CA GLN N 17 -29.99 10.21 -11.71
C GLN N 17 -29.94 10.54 -10.22
N VAL N 18 -29.49 9.58 -9.42
CA VAL N 18 -29.41 9.73 -7.97
C VAL N 18 -28.58 10.94 -7.59
N GLN N 19 -29.15 11.81 -6.76
CA GLN N 19 -28.45 12.97 -6.22
C GLN N 19 -27.88 12.67 -4.85
N ARG N 20 -26.59 12.94 -4.66
CA ARG N 20 -26.04 13.04 -3.32
C ARG N 20 -26.48 14.39 -2.76
N PRO N 21 -26.28 14.61 -1.46
CA PRO N 21 -26.86 15.83 -0.87
C PRO N 21 -26.04 17.09 -1.09
N SER N 22 -26.71 18.23 -1.13
CA SER N 22 -26.04 19.53 -1.07
C SER N 22 -25.11 19.56 0.13
N PHE N 23 -23.92 20.11 -0.05
CA PHE N 23 -22.91 20.11 1.01
C PHE N 23 -23.43 20.84 2.25
N MET N 24 -24.29 21.83 2.04
CA MET N 24 -24.81 22.64 3.13
C MET N 24 -25.77 21.82 4.00
N ASP N 25 -26.45 20.86 3.38
CA ASP N 25 -27.26 19.90 4.10
C ASP N 25 -26.35 18.87 4.77
N TYR N 26 -25.40 18.37 3.99
CA TYR N 26 -24.43 17.39 4.48
C TYR N 26 -23.60 17.96 5.61
N PRO O 16 6.78 15.18 34.08
CA PRO O 16 6.33 13.80 34.32
C PRO O 16 6.70 12.90 33.15
N GLN O 17 8.01 12.62 33.03
CA GLN O 17 8.57 12.02 31.83
C GLN O 17 8.56 10.49 31.84
N VAL O 18 8.33 9.92 30.67
CA VAL O 18 8.28 8.47 30.49
C VAL O 18 9.41 8.01 29.58
N GLN O 19 10.44 7.40 30.18
CA GLN O 19 11.54 6.85 29.41
C GLN O 19 11.26 5.38 29.10
N ARG O 20 11.45 5.01 27.83
CA ARG O 20 11.32 3.62 27.42
C ARG O 20 12.59 2.87 27.81
N PRO O 21 12.53 1.53 27.83
CA PRO O 21 13.64 0.76 28.40
C PRO O 21 14.93 0.84 27.60
N SER O 22 16.03 0.40 28.20
CA SER O 22 17.32 0.39 27.52
C SER O 22 17.43 -0.80 26.58
N PHE O 23 17.30 -2.00 27.14
CA PHE O 23 17.43 -3.23 26.37
C PHE O 23 16.58 -4.35 26.98
ZN ZN P . -1.47 -18.15 -26.54
ZN ZN Q . -13.29 30.26 -0.26
ZN ZN R . -29.15 -7.78 -23.60
ZN ZN S . 29.30 -0.59 16.41
ZN ZN T . -7.58 25.48 28.95
ZN ZN U . 22.13 -29.70 12.76
#